data_3GDP
#
_entry.id   3GDP
#
_cell.length_a   69.050
_cell.length_b   93.710
_cell.length_c   87.260
_cell.angle_alpha   90.00
_cell.angle_beta   106.39
_cell.angle_gamma   90.00
#
_symmetry.space_group_name_H-M   'P 1 21 1'
#
loop_
_entity.id
_entity.type
_entity.pdbx_description
1 polymer 'R-oxynitrile lyase isoenzyme 1'
2 branched alpha-D-mannopyranose-(1-6)-alpha-D-mannopyranose-(1-4)-2-acetamido-2-deoxy-beta-D-glucopyranose-(1-4)-[beta-L-fucopyranose-(1-3)]2-acetamido-2-deoxy-beta-D-glucopyranose
3 branched alpha-L-fucopyranose-(1-3)-[2-acetamido-2-deoxy-beta-D-glucopyranose-(1-4)]2-acetamido-2-deoxy-beta-D-glucopyranose
4 branched alpha-D-mannopyranose-(1-3)-beta-D-mannopyranose-(1-4)-2-acetamido-2-deoxy-beta-D-glucopyranose-(1-4)-[alpha-L-fucopyranose-(1-3)]2-acetamido-2-deoxy-beta-D-glucopyranose
5 branched alpha-D-mannopyranose-(1-6)-beta-D-mannopyranose-(1-4)-2-acetamido-2-deoxy-beta-D-glucopyranose-(1-4)-2-acetamido-2-deoxy-beta-D-glucopyranose
6 non-polymer 'ISOPROPYL ALCOHOL'
7 non-polymer 'FLAVIN-ADENINE DINUCLEOTIDE'
8 non-polymer 2-acetamido-2-deoxy-beta-D-glucopyranose
9 non-polymer 2-acetamido-2-deoxy-alpha-D-glucopyranose
10 water water
#
_entity_poly.entity_id   1
_entity_poly.type   'polypeptide(L)'
_entity_poly.pdbx_seq_one_letter_code
;LATTSDHDFSYLSFAYDATDLELEGSYDYVIVGGGTSGCPLAATLSEKYKVLVLERGSLPTAYPNVLTADGFVYNLQQED
DGKTPVERFVSEDGIDNVRGRVLGGTSIINAGVYARANTSIYSASGVDWDMDLVNQTYEWVEDTIVYKPNSQSWQSVTKT
AFLEAGVHPNHGFSLDHEEGTRITGSTFDNKGTRHAADELLNKGNSNNLRVGVHASVEKIIFSNAPGLTATGVIYRDSNG
TPHQAFVRSKGEVIVSAGTIGTPQLLLLSGVGPESYLSSLNIPVVLSHPYVGQFLHDNPRNFINILPPNPIEPTIVTVLG
ISNDFYQCSFSSLPFTTPPFGFFPSSSYPLPNSTFAHFASKVAGPLSYGSLTLKSSSNVRVSPNVKFNYYSNLTDLSHCV
SGMKKIGELLSTDALKPYKVEDLPGVEGFNILGIPLPKDQTDDAAFETFCRESVASYWHYHGGCLVGKVLDGDFRVTGIN
ALRVVDGSTFPYTPASHPQGFYLMLGRYVGIKILQERSASD
;
_entity_poly.pdbx_strand_id   A,B
#
loop_
_chem_comp.id
_chem_comp.type
_chem_comp.name
_chem_comp.formula
BMA D-saccharide, beta linking beta-D-mannopyranose 'C6 H12 O6'
FAD non-polymer 'FLAVIN-ADENINE DINUCLEOTIDE' 'C27 H33 N9 O15 P2'
FUC L-saccharide, alpha linking alpha-L-fucopyranose 'C6 H12 O5'
FUL L-saccharide, beta linking beta-L-fucopyranose 'C6 H12 O5'
IPA non-polymer 'ISOPROPYL ALCOHOL' 'C3 H8 O'
MAN D-saccharide, alpha linking alpha-D-mannopyranose 'C6 H12 O6'
NAG D-saccharide, beta linking 2-acetamido-2-deoxy-beta-D-glucopyranose 'C8 H15 N O6'
NDG D-saccharide, alpha linking 2-acetamido-2-deoxy-alpha-D-glucopyranose 'C8 H15 N O6'
#
# COMPACT_ATOMS: atom_id res chain seq x y z
N LEU A 1 -8.29 28.75 -3.77
CA LEU A 1 -8.11 27.28 -3.96
C LEU A 1 -9.25 26.68 -4.77
N ALA A 2 -8.96 25.57 -5.45
CA ALA A 2 -9.94 24.90 -6.28
C ALA A 2 -10.64 23.75 -5.56
N THR A 3 -11.67 23.22 -6.19
CA THR A 3 -12.43 22.10 -5.64
C THR A 3 -12.22 20.87 -6.50
N THR A 4 -11.99 19.74 -5.87
CA THR A 4 -11.76 18.48 -6.57
C THR A 4 -12.68 18.28 -7.77
N SER A 5 -12.10 17.91 -8.90
CA SER A 5 -12.85 17.68 -10.13
C SER A 5 -11.96 16.96 -11.14
N ASP A 6 -12.57 16.49 -12.24
CA ASP A 6 -11.81 15.81 -13.27
C ASP A 6 -10.85 16.79 -13.93
N HIS A 7 -9.78 16.27 -14.52
CA HIS A 7 -8.82 17.11 -15.22
C HIS A 7 -9.62 17.76 -16.35
N ASP A 8 -9.58 19.08 -16.44
CA ASP A 8 -10.33 19.82 -17.46
C ASP A 8 -9.66 19.88 -18.83
N PHE A 9 -10.16 19.08 -19.78
CA PHE A 9 -9.61 19.05 -21.13
C PHE A 9 -10.47 19.81 -22.15
N SER A 10 -11.18 20.84 -21.68
CA SER A 10 -12.03 21.61 -22.58
C SER A 10 -11.21 22.27 -23.69
N TYR A 11 -9.97 22.62 -23.38
CA TYR A 11 -9.08 23.26 -24.34
C TYR A 11 -8.76 22.41 -25.57
N LEU A 12 -9.11 21.13 -25.52
CA LEU A 12 -8.85 20.25 -26.66
C LEU A 12 -9.54 20.75 -27.93
N SER A 13 -10.57 21.58 -27.75
CA SER A 13 -11.31 22.12 -28.89
C SER A 13 -10.42 22.98 -29.78
N PHE A 14 -9.36 23.55 -29.21
CA PHE A 14 -8.44 24.37 -29.99
C PHE A 14 -7.01 23.84 -29.98
N ALA A 15 -6.88 22.52 -29.81
CA ALA A 15 -5.58 21.88 -29.81
C ALA A 15 -5.45 21.11 -31.12
N TYR A 16 -4.31 21.24 -31.78
CA TYR A 16 -4.09 20.57 -33.05
C TYR A 16 -2.72 19.93 -33.11
N ASP A 17 -2.58 18.90 -33.94
CA ASP A 17 -1.29 18.27 -34.12
C ASP A 17 -0.62 19.18 -35.14
N ALA A 18 0.69 19.37 -35.03
CA ALA A 18 1.40 20.25 -35.95
C ALA A 18 1.14 19.92 -37.42
N THR A 19 0.91 18.63 -37.72
CA THR A 19 0.65 18.22 -39.10
C THR A 19 -0.65 18.83 -39.64
N ASP A 20 -1.39 19.26 -38.74
CA ASP A 20 -2.68 19.83 -39.12
C ASP A 20 -2.71 21.35 -39.12
N LEU A 21 -1.68 21.98 -38.66
CA LEU A 21 -1.56 23.44 -38.62
C LEU A 21 -1.14 23.95 -39.99
N GLU A 22 -1.49 25.19 -40.31
CA GLU A 22 -1.14 25.77 -41.59
C GLU A 22 0.38 25.81 -41.76
N LEU A 23 0.84 25.75 -43.01
CA LEU A 23 2.27 25.78 -43.29
C LEU A 23 2.87 27.15 -42.97
N GLU A 24 2.06 28.21 -43.11
CA GLU A 24 2.50 29.57 -42.81
C GLU A 24 1.37 30.34 -42.15
N GLY A 25 1.53 30.58 -40.85
CA GLY A 25 0.49 31.28 -40.11
C GLY A 25 0.92 32.66 -39.62
N SER A 26 -0.06 33.47 -39.26
CA SER A 26 0.17 34.83 -38.77
C SER A 26 -0.62 35.02 -37.48
N TYR A 27 0.07 35.46 -36.41
CA TYR A 27 -0.57 35.68 -35.12
C TYR A 27 -0.04 36.93 -34.45
N ASP A 28 -0.60 37.27 -33.30
CA ASP A 28 -0.12 38.43 -32.55
C ASP A 28 1.04 37.94 -31.67
N TYR A 29 0.87 36.75 -31.09
CA TYR A 29 1.92 36.19 -30.24
C TYR A 29 2.13 34.71 -30.51
N VAL A 30 3.40 34.31 -30.48
CA VAL A 30 3.77 32.92 -30.66
C VAL A 30 4.56 32.52 -29.42
N ILE A 31 4.08 31.51 -28.71
CA ILE A 31 4.73 31.04 -27.50
C ILE A 31 5.41 29.70 -27.76
N VAL A 32 6.72 29.63 -27.51
CA VAL A 32 7.46 28.39 -27.72
C VAL A 32 7.52 27.63 -26.40
N GLY A 33 6.86 26.48 -26.37
CA GLY A 33 6.83 25.66 -25.17
C GLY A 33 5.55 25.85 -24.39
N GLY A 34 4.66 24.86 -24.44
CA GLY A 34 3.41 24.94 -23.72
C GLY A 34 3.60 24.33 -22.35
N GLY A 35 4.50 24.92 -21.58
CA GLY A 35 4.80 24.39 -20.26
C GLY A 35 4.19 25.12 -19.08
N THR A 36 4.86 25.01 -17.94
CA THR A 36 4.42 25.61 -16.68
C THR A 36 4.15 27.10 -16.81
N SER A 37 5.11 27.86 -17.35
CA SER A 37 4.91 29.29 -17.53
C SER A 37 4.19 29.59 -18.85
N GLY A 38 4.55 28.83 -19.89
CA GLY A 38 3.97 29.04 -21.21
C GLY A 38 2.46 28.97 -21.33
N CYS A 39 1.83 28.01 -20.67
CA CYS A 39 0.37 27.88 -20.76
C CYS A 39 -0.38 29.09 -20.17
N PRO A 40 -0.11 29.47 -18.91
CA PRO A 40 -0.84 30.62 -18.37
C PRO A 40 -0.52 31.93 -19.12
N LEU A 41 0.69 32.01 -19.68
CA LEU A 41 1.09 33.18 -20.46
C LEU A 41 0.21 33.24 -21.71
N ALA A 42 0.13 32.11 -22.41
CA ALA A 42 -0.66 32.01 -23.63
C ALA A 42 -2.14 32.32 -23.37
N ALA A 43 -2.70 31.73 -22.33
CA ALA A 43 -4.10 31.95 -22.01
C ALA A 43 -4.37 33.42 -21.73
N THR A 44 -3.49 34.05 -20.97
CA THR A 44 -3.64 35.45 -20.62
C THR A 44 -3.63 36.34 -21.87
N LEU A 45 -2.62 36.17 -22.71
CA LEU A 45 -2.53 36.97 -23.92
C LEU A 45 -3.74 36.76 -24.84
N SER A 46 -4.27 35.53 -24.87
CA SER A 46 -5.41 35.24 -25.73
C SER A 46 -6.70 35.95 -25.33
N GLU A 47 -6.69 36.56 -24.15
CA GLU A 47 -7.88 37.29 -23.70
C GLU A 47 -8.18 38.43 -24.67
N LYS A 48 -7.15 38.94 -25.33
CA LYS A 48 -7.32 40.04 -26.27
C LYS A 48 -6.70 39.82 -27.66
N TYR A 49 -5.65 39.00 -27.73
CA TYR A 49 -4.98 38.79 -29.01
C TYR A 49 -4.91 37.35 -29.51
N LYS A 50 -4.52 37.19 -30.78
CA LYS A 50 -4.41 35.88 -31.40
C LYS A 50 -3.09 35.25 -31.01
N VAL A 51 -3.18 34.10 -30.34
CA VAL A 51 -2.01 33.40 -29.84
C VAL A 51 -1.86 31.98 -30.35
N LEU A 52 -0.62 31.58 -30.60
CA LEU A 52 -0.31 30.23 -31.03
C LEU A 52 0.75 29.71 -30.07
N VAL A 53 0.48 28.55 -29.47
CA VAL A 53 1.43 27.92 -28.57
C VAL A 53 1.95 26.70 -29.31
N LEU A 54 3.26 26.50 -29.29
CA LEU A 54 3.88 25.37 -29.96
C LEU A 54 4.61 24.50 -28.94
N GLU A 55 4.13 23.26 -28.78
CA GLU A 55 4.72 22.32 -27.82
C GLU A 55 5.23 21.08 -28.53
N ARG A 56 6.47 20.71 -28.24
CA ARG A 56 7.09 19.54 -28.87
C ARG A 56 6.47 18.21 -28.44
N GLY A 57 5.95 18.15 -27.21
CA GLY A 57 5.37 16.91 -26.71
C GLY A 57 3.92 16.65 -27.10
N SER A 58 3.37 15.55 -26.58
CA SER A 58 1.99 15.15 -26.85
C SER A 58 0.99 15.78 -25.87
N LEU A 59 -0.29 15.49 -26.09
CA LEU A 59 -1.33 15.94 -25.20
C LEU A 59 -1.23 15.01 -23.99
N PRO A 60 -1.66 15.48 -22.79
CA PRO A 60 -1.57 14.61 -21.61
C PRO A 60 -2.39 13.33 -21.79
N THR A 61 -3.42 13.39 -22.61
CA THR A 61 -4.27 12.23 -22.85
C THR A 61 -3.53 11.05 -23.50
N ALA A 62 -2.41 11.34 -24.15
CA ALA A 62 -1.62 10.29 -24.81
C ALA A 62 -0.89 9.42 -23.79
N TYR A 63 -0.75 9.93 -22.58
CA TYR A 63 -0.08 9.20 -21.51
C TYR A 63 -0.88 9.33 -20.22
N PRO A 64 -1.96 8.55 -20.10
CA PRO A 64 -2.88 8.52 -18.96
C PRO A 64 -2.28 8.58 -17.56
N ASN A 65 -1.13 7.95 -17.37
CA ASN A 65 -0.52 7.94 -16.04
C ASN A 65 0.05 9.27 -15.55
N VAL A 66 0.01 10.31 -16.37
CA VAL A 66 0.49 11.61 -15.92
C VAL A 66 -0.69 12.32 -15.27
N LEU A 67 -1.84 11.66 -15.26
CA LEU A 67 -3.06 12.27 -14.72
C LEU A 67 -3.48 11.84 -13.31
N THR A 68 -2.64 11.04 -12.64
CA THR A 68 -2.97 10.60 -11.29
C THR A 68 -1.72 10.59 -10.41
N ALA A 69 -1.91 10.74 -9.11
CA ALA A 69 -0.79 10.73 -8.19
C ALA A 69 -0.09 9.38 -8.19
N ASP A 70 -0.84 8.30 -8.32
CA ASP A 70 -0.19 6.99 -8.31
C ASP A 70 0.55 6.70 -9.61
N GLY A 71 0.57 7.67 -10.51
CA GLY A 71 1.29 7.50 -11.77
C GLY A 71 2.64 8.22 -11.75
N PHE A 72 2.89 8.99 -10.70
CA PHE A 72 4.13 9.75 -10.57
C PHE A 72 5.40 8.93 -10.82
N VAL A 73 5.60 7.89 -10.02
CA VAL A 73 6.77 7.03 -10.17
C VAL A 73 6.75 6.36 -11.54
N TYR A 74 5.57 5.92 -11.98
CA TYR A 74 5.44 5.25 -13.27
C TYR A 74 6.07 6.03 -14.42
N ASN A 75 5.75 7.32 -14.53
CA ASN A 75 6.29 8.13 -15.61
C ASN A 75 7.81 8.15 -15.62
N LEU A 76 8.40 8.21 -14.42
CA LEU A 76 9.85 8.24 -14.29
C LEU A 76 10.47 6.89 -14.66
N GLN A 77 9.73 5.82 -14.46
CA GLN A 77 10.21 4.47 -14.76
C GLN A 77 10.16 4.12 -16.24
N GLN A 78 9.27 4.78 -16.98
CA GLN A 78 9.11 4.48 -18.40
C GLN A 78 10.32 4.79 -19.27
N GLU A 79 10.62 3.86 -20.17
CA GLU A 79 11.75 4.03 -21.06
C GLU A 79 11.53 5.24 -21.97
N ASP A 80 12.60 6.00 -22.17
CA ASP A 80 12.57 7.20 -22.99
C ASP A 80 12.69 6.83 -24.47
N ASP A 81 11.57 6.88 -25.19
CA ASP A 81 11.59 6.55 -26.61
C ASP A 81 11.62 7.81 -27.48
N GLY A 82 11.87 8.95 -26.84
CA GLY A 82 11.92 10.21 -27.56
C GLY A 82 10.58 10.91 -27.68
N LYS A 83 9.51 10.23 -27.27
CA LYS A 83 8.17 10.80 -27.36
C LYS A 83 7.47 10.86 -26.00
N THR A 84 7.94 10.04 -25.07
CA THR A 84 7.37 9.97 -23.73
C THR A 84 7.44 11.33 -23.01
N PRO A 85 6.52 11.56 -22.05
CA PRO A 85 6.48 12.81 -21.29
C PRO A 85 7.66 13.10 -20.38
N VAL A 86 8.44 12.08 -20.06
CA VAL A 86 9.61 12.25 -19.22
C VAL A 86 10.88 12.06 -20.07
N GLU A 87 11.60 13.16 -20.28
CA GLU A 87 12.84 13.08 -21.05
C GLU A 87 14.01 12.94 -20.10
N ARG A 88 14.81 11.91 -20.32
CA ARG A 88 15.96 11.64 -19.47
C ARG A 88 17.22 12.35 -19.95
N PHE A 89 18.06 12.73 -18.99
CA PHE A 89 19.34 13.34 -19.32
C PHE A 89 20.28 13.19 -18.12
N VAL A 90 21.57 13.32 -18.37
CA VAL A 90 22.55 13.19 -17.31
C VAL A 90 23.44 14.41 -17.38
N SER A 91 23.63 15.10 -16.25
CA SER A 91 24.49 16.27 -16.25
C SER A 91 25.93 15.82 -16.42
N GLU A 92 26.81 16.76 -16.78
CA GLU A 92 28.22 16.46 -16.96
C GLU A 92 28.82 16.05 -15.61
N ASP A 93 28.11 16.34 -14.53
CA ASP A 93 28.56 16.01 -13.19
C ASP A 93 28.36 14.51 -12.94
N GLY A 94 27.54 13.89 -13.78
CA GLY A 94 27.24 12.47 -13.66
C GLY A 94 25.95 12.18 -12.91
N ILE A 95 25.10 13.20 -12.75
CA ILE A 95 23.86 13.06 -12.02
C ILE A 95 22.63 12.92 -12.94
N ASP A 96 21.92 11.80 -12.81
CA ASP A 96 20.73 11.54 -13.61
C ASP A 96 19.67 12.60 -13.34
N ASN A 97 18.90 12.92 -14.36
CA ASN A 97 17.88 13.95 -14.24
C ASN A 97 16.80 13.77 -15.31
N VAL A 98 15.74 14.57 -15.21
CA VAL A 98 14.64 14.51 -16.18
C VAL A 98 13.98 15.88 -16.37
N ARG A 99 13.30 16.04 -17.49
CA ARG A 99 12.56 17.25 -17.78
C ARG A 99 11.30 16.85 -18.54
N GLY A 100 10.27 17.68 -18.47
CA GLY A 100 9.03 17.37 -19.15
C GLY A 100 9.07 17.55 -20.66
N ARG A 101 8.22 16.78 -21.34
CA ARG A 101 8.11 16.82 -22.80
C ARG A 101 6.66 16.44 -23.07
N VAL A 102 5.76 17.37 -22.81
CA VAL A 102 4.33 17.15 -22.96
C VAL A 102 3.62 18.48 -22.74
N LEU A 103 2.39 18.62 -23.24
CA LEU A 103 1.65 19.86 -23.03
C LEU A 103 1.37 19.97 -21.54
N GLY A 104 1.71 21.12 -20.96
CA GLY A 104 1.55 21.32 -19.54
C GLY A 104 2.96 21.36 -18.96
N GLY A 105 3.92 20.91 -19.77
CA GLY A 105 5.30 20.91 -19.35
C GLY A 105 5.61 20.00 -18.18
N THR A 106 6.61 20.40 -17.39
CA THR A 106 7.04 19.61 -16.26
C THR A 106 6.01 19.59 -15.13
N SER A 107 5.04 20.50 -15.17
CA SER A 107 4.01 20.51 -14.13
C SER A 107 3.13 19.26 -14.30
N ILE A 108 3.26 18.61 -15.45
CA ILE A 108 2.49 17.40 -15.77
C ILE A 108 3.14 16.12 -15.23
N ILE A 109 4.42 16.20 -14.86
CA ILE A 109 5.12 15.02 -14.36
C ILE A 109 5.75 15.20 -12.98
N ASN A 110 5.50 16.33 -12.34
CA ASN A 110 6.13 16.60 -11.04
C ASN A 110 5.47 16.00 -9.79
N ALA A 111 6.02 16.31 -8.63
CA ALA A 111 5.51 15.79 -7.36
C ALA A 111 4.28 16.51 -6.81
N GLY A 112 3.76 17.47 -7.57
CA GLY A 112 2.57 18.20 -7.18
C GLY A 112 2.62 19.20 -6.05
N VAL A 113 3.76 19.36 -5.40
CA VAL A 113 3.86 20.30 -4.29
C VAL A 113 3.70 21.75 -4.76
N TYR A 114 2.81 22.50 -4.10
CA TYR A 114 2.57 23.89 -4.47
C TYR A 114 2.86 24.86 -3.34
N ALA A 115 3.66 25.89 -3.64
CA ALA A 115 4.00 26.90 -2.65
C ALA A 115 4.17 28.24 -3.34
N ARG A 116 3.86 29.32 -2.63
CA ARG A 116 4.04 30.65 -3.18
C ARG A 116 5.49 31.00 -2.88
N ALA A 117 6.07 31.88 -3.69
CA ALA A 117 7.46 32.27 -3.48
C ALA A 117 7.68 33.02 -2.17
N ASN A 118 8.90 32.90 -1.65
CA ASN A 118 9.32 33.60 -0.44
C ASN A 118 8.98 35.07 -0.72
N THR A 119 8.17 35.69 0.13
CA THR A 119 7.76 37.08 -0.10
C THR A 119 8.89 38.11 -0.01
N SER A 120 10.08 37.68 0.40
CA SER A 120 11.21 38.59 0.54
C SER A 120 12.17 38.60 -0.65
N ILE A 121 11.96 37.73 -1.63
CA ILE A 121 12.85 37.64 -2.77
C ILE A 121 12.55 38.56 -3.95
N TYR A 122 11.38 39.20 -3.95
CA TYR A 122 11.01 40.08 -5.06
C TYR A 122 11.86 41.35 -5.16
N SER A 123 12.19 41.95 -4.02
CA SER A 123 12.97 43.18 -4.02
C SER A 123 14.34 43.17 -4.68
N ALA A 124 15.08 42.08 -4.56
CA ALA A 124 16.42 42.01 -5.14
C ALA A 124 16.51 41.19 -6.43
N SER A 125 15.36 40.89 -7.02
CA SER A 125 15.30 40.08 -8.24
C SER A 125 15.72 40.76 -9.55
N GLY A 126 15.70 42.09 -9.59
CA GLY A 126 16.07 42.78 -10.82
C GLY A 126 14.82 43.13 -11.61
N VAL A 127 13.66 42.85 -11.01
CA VAL A 127 12.38 43.15 -11.61
C VAL A 127 11.57 44.02 -10.64
N ASP A 128 10.89 45.04 -11.16
CA ASP A 128 10.08 45.91 -10.33
C ASP A 128 8.69 45.27 -10.28
N TRP A 129 8.48 44.42 -9.29
CA TRP A 129 7.21 43.70 -9.17
C TRP A 129 6.01 44.50 -8.67
N ASP A 130 4.87 44.22 -9.28
CA ASP A 130 3.59 44.81 -8.90
C ASP A 130 3.03 43.74 -7.98
N MET A 131 3.22 43.91 -6.67
CA MET A 131 2.75 42.90 -5.72
C MET A 131 1.25 42.66 -5.71
N ASP A 132 0.45 43.68 -6.00
CA ASP A 132 -0.99 43.46 -6.04
C ASP A 132 -1.29 42.48 -7.16
N LEU A 133 -0.60 42.66 -8.30
CA LEU A 133 -0.79 41.79 -9.45
C LEU A 133 -0.25 40.39 -9.17
N VAL A 134 0.89 40.31 -8.48
CA VAL A 134 1.47 39.03 -8.14
C VAL A 134 0.46 38.18 -7.37
N ASN A 135 -0.10 38.74 -6.30
CA ASN A 135 -1.06 37.99 -5.50
C ASN A 135 -2.34 37.68 -6.26
N GLN A 136 -2.79 38.60 -7.10
CA GLN A 136 -4.00 38.37 -7.89
C GLN A 136 -3.75 37.18 -8.82
N THR A 137 -2.53 37.09 -9.33
CA THR A 137 -2.15 36.02 -10.24
C THR A 137 -2.05 34.68 -9.50
N TYR A 138 -1.51 34.69 -8.28
CA TYR A 138 -1.42 33.47 -7.50
C TYR A 138 -2.84 32.94 -7.29
N GLU A 139 -3.76 33.84 -6.94
CA GLU A 139 -5.15 33.47 -6.70
C GLU A 139 -5.79 32.88 -7.96
N TRP A 140 -5.50 33.48 -9.10
CA TRP A 140 -6.03 33.04 -10.40
C TRP A 140 -5.60 31.58 -10.66
N VAL A 141 -4.33 31.28 -10.41
CA VAL A 141 -3.80 29.93 -10.61
C VAL A 141 -4.38 28.97 -9.57
N GLU A 142 -4.33 29.39 -8.30
CA GLU A 142 -4.81 28.55 -7.20
C GLU A 142 -6.28 28.18 -7.28
N ASP A 143 -7.10 29.12 -7.76
CA ASP A 143 -8.53 28.84 -7.87
C ASP A 143 -8.82 27.84 -8.98
N THR A 144 -7.81 27.54 -9.80
CA THR A 144 -8.00 26.61 -10.91
C THR A 144 -7.36 25.24 -10.72
N ILE A 145 -6.15 25.18 -10.17
CA ILE A 145 -5.46 23.91 -10.01
C ILE A 145 -4.75 23.59 -8.68
N VAL A 146 -5.06 24.32 -7.61
CA VAL A 146 -4.41 24.05 -6.32
C VAL A 146 -5.43 23.63 -5.27
N TYR A 147 -5.09 22.59 -4.51
CA TYR A 147 -6.01 22.07 -3.50
C TYR A 147 -5.43 21.90 -2.10
N LYS A 148 -6.31 21.97 -1.11
CA LYS A 148 -5.92 21.75 0.27
C LYS A 148 -5.95 20.23 0.34
N PRO A 149 -4.81 19.60 0.62
CA PRO A 149 -4.71 18.13 0.69
C PRO A 149 -5.46 17.40 1.80
N ASN A 150 -5.70 16.12 1.55
CA ASN A 150 -6.36 15.24 2.52
C ASN A 150 -5.30 14.97 3.57
N SER A 151 -5.72 14.57 4.75
CA SER A 151 -4.75 14.24 5.79
C SER A 151 -4.21 12.88 5.35
N GLN A 152 -2.93 12.63 5.60
CA GLN A 152 -2.31 11.35 5.25
C GLN A 152 -1.43 10.91 6.40
N SER A 153 -1.60 9.68 6.83
CA SER A 153 -0.83 9.15 7.95
C SER A 153 0.66 9.40 7.91
N TRP A 154 1.34 9.00 6.83
CA TRP A 154 2.78 9.21 6.80
C TRP A 154 3.18 10.68 6.81
N GLN A 155 2.39 11.53 6.16
CA GLN A 155 2.71 12.95 6.16
C GLN A 155 2.54 13.50 7.57
N SER A 156 1.56 12.98 8.30
CA SER A 156 1.33 13.42 9.67
C SER A 156 2.49 12.96 10.56
N VAL A 157 3.00 11.76 10.31
CA VAL A 157 4.12 11.27 11.10
C VAL A 157 5.30 12.20 10.86
N THR A 158 5.51 12.57 9.59
CA THR A 158 6.61 13.46 9.22
C THR A 158 6.43 14.82 9.89
N LYS A 159 5.20 15.31 9.95
CA LYS A 159 4.93 16.59 10.59
C LYS A 159 5.32 16.53 12.07
N THR A 160 5.01 15.42 12.74
CA THR A 160 5.36 15.29 14.15
C THR A 160 6.87 15.23 14.33
N ALA A 161 7.56 14.62 13.36
CA ALA A 161 9.02 14.52 13.43
C ALA A 161 9.65 15.90 13.29
N PHE A 162 9.18 16.69 12.32
CA PHE A 162 9.71 18.04 12.11
C PHE A 162 9.51 18.90 13.35
N LEU A 163 8.32 18.84 13.95
CA LEU A 163 8.04 19.64 15.14
C LEU A 163 8.88 19.21 16.33
N GLU A 164 9.10 17.91 16.46
CA GLU A 164 9.90 17.39 17.55
C GLU A 164 11.36 17.82 17.34
N ALA A 165 11.77 17.90 16.07
CA ALA A 165 13.14 18.28 15.73
C ALA A 165 13.40 19.78 15.65
N GLY A 166 12.48 20.58 16.19
CA GLY A 166 12.67 22.01 16.21
C GLY A 166 12.46 22.83 14.95
N VAL A 167 11.80 22.27 13.94
CA VAL A 167 11.56 23.05 12.72
C VAL A 167 10.30 23.84 13.05
N HIS A 168 10.52 24.99 13.68
CA HIS A 168 9.45 25.86 14.15
C HIS A 168 9.38 27.21 13.45
N PRO A 169 8.22 27.87 13.50
CA PRO A 169 6.99 27.43 14.18
C PRO A 169 6.13 26.55 13.29
N ASN A 170 4.94 26.20 13.79
CA ASN A 170 3.99 25.40 13.01
C ASN A 170 3.05 26.41 12.36
N HIS A 171 2.87 26.30 11.05
CA HIS A 171 2.01 27.23 10.32
C HIS A 171 0.63 26.65 9.98
N GLY A 172 0.39 25.40 10.37
CA GLY A 172 -0.88 24.76 10.06
C GLY A 172 -0.92 24.56 8.55
N PHE A 173 -2.04 24.88 7.92
CA PHE A 173 -2.13 24.76 6.46
C PHE A 173 -1.84 26.15 5.90
N SER A 174 -0.80 26.26 5.07
CA SER A 174 -0.44 27.54 4.48
C SER A 174 0.34 27.34 3.20
N LEU A 175 0.08 28.20 2.22
CA LEU A 175 0.75 28.12 0.92
C LEU A 175 2.09 28.85 0.88
N ASP A 176 2.31 29.71 1.86
CA ASP A 176 3.52 30.52 1.90
C ASP A 176 4.81 29.87 2.38
N HIS A 177 5.88 30.16 1.65
CA HIS A 177 7.21 29.65 1.96
C HIS A 177 7.76 30.43 3.15
N GLU A 178 7.64 29.84 4.34
CA GLU A 178 8.12 30.47 5.56
C GLU A 178 8.85 29.45 6.43
N GLU A 179 9.84 29.94 7.18
CA GLU A 179 10.59 29.08 8.08
C GLU A 179 9.63 28.36 9.01
N GLY A 180 9.86 27.07 9.22
CA GLY A 180 8.99 26.28 10.09
C GLY A 180 8.33 25.13 9.36
N THR A 181 7.39 24.48 10.04
CA THR A 181 6.67 23.33 9.49
C THR A 181 5.24 23.68 9.10
N ARG A 182 4.79 23.14 7.99
CA ARG A 182 3.42 23.41 7.53
C ARG A 182 2.95 22.35 6.55
N ILE A 183 1.65 22.38 6.27
CA ILE A 183 1.06 21.51 5.27
C ILE A 183 0.77 22.53 4.18
N THR A 184 1.30 22.30 2.99
CA THR A 184 1.10 23.25 1.90
C THR A 184 0.09 22.72 0.89
N GLY A 185 -0.11 23.45 -0.21
CA GLY A 185 -1.06 23.01 -1.21
C GLY A 185 -0.46 22.00 -2.19
N SER A 186 -1.32 21.38 -3.00
CA SER A 186 -0.86 20.41 -3.98
C SER A 186 -1.66 20.55 -5.26
N THR A 187 -1.05 20.21 -6.40
CA THR A 187 -1.77 20.28 -7.65
C THR A 187 -2.50 18.95 -7.89
N PHE A 188 -2.39 18.04 -6.94
CA PHE A 188 -3.12 16.77 -6.99
C PHE A 188 -4.36 17.05 -6.14
N ASP A 189 -5.55 16.71 -6.61
CA ASP A 189 -6.73 16.96 -5.79
C ASP A 189 -6.99 15.81 -4.82
N ASN A 190 -8.04 15.95 -4.02
CA ASN A 190 -8.36 14.97 -3.00
C ASN A 190 -8.72 13.56 -3.47
N LYS A 191 -8.84 13.37 -4.78
CA LYS A 191 -9.12 12.04 -5.33
C LYS A 191 -7.88 11.52 -6.02
N GLY A 192 -6.80 12.28 -5.95
CA GLY A 192 -5.55 11.87 -6.56
C GLY A 192 -5.41 12.28 -8.01
N THR A 193 -6.36 13.04 -8.53
CA THR A 193 -6.30 13.49 -9.91
C THR A 193 -5.30 14.63 -10.06
N ARG A 194 -4.41 14.51 -11.03
CA ARG A 194 -3.42 15.56 -11.24
C ARG A 194 -3.99 16.70 -12.06
N HIS A 195 -3.76 17.92 -11.60
CA HIS A 195 -4.17 19.11 -12.30
C HIS A 195 -2.85 19.79 -12.64
N ALA A 196 -2.80 20.48 -13.76
CA ALA A 196 -1.54 21.11 -14.15
C ALA A 196 -1.70 22.35 -15.00
N ALA A 197 -0.57 22.86 -15.48
CA ALA A 197 -0.56 24.07 -16.29
C ALA A 197 -1.42 24.03 -17.55
N ASP A 198 -1.60 22.85 -18.14
CA ASP A 198 -2.41 22.75 -19.34
C ASP A 198 -3.83 23.23 -19.10
N GLU A 199 -4.35 22.99 -17.90
CA GLU A 199 -5.71 23.41 -17.58
C GLU A 199 -5.87 24.92 -17.53
N LEU A 200 -4.76 25.64 -17.37
CA LEU A 200 -4.84 27.08 -17.33
C LEU A 200 -5.16 27.62 -18.73
N LEU A 201 -5.02 26.75 -19.73
CA LEU A 201 -5.33 27.13 -21.11
C LEU A 201 -6.84 27.36 -21.21
N ASN A 202 -7.60 26.72 -20.34
CA ASN A 202 -9.06 26.85 -20.33
C ASN A 202 -9.50 28.25 -19.93
N LYS A 203 -8.58 29.01 -19.35
CA LYS A 203 -8.86 30.38 -18.92
C LYS A 203 -8.69 31.34 -20.09
N GLY A 204 -8.17 30.84 -21.20
CA GLY A 204 -7.96 31.68 -22.38
C GLY A 204 -9.23 31.77 -23.20
N ASN A 205 -9.19 32.57 -24.26
CA ASN A 205 -10.33 32.75 -25.15
C ASN A 205 -10.26 31.68 -26.25
N SER A 206 -11.27 30.82 -26.30
CA SER A 206 -11.30 29.73 -27.27
C SER A 206 -11.37 30.14 -28.74
N ASN A 207 -11.55 31.43 -29.01
CA ASN A 207 -11.61 31.91 -30.38
C ASN A 207 -10.30 32.60 -30.77
N ASN A 208 -9.43 32.82 -29.78
CA ASN A 208 -8.15 33.48 -30.03
C ASN A 208 -6.93 32.61 -29.76
N LEU A 209 -7.10 31.53 -29.01
CA LEU A 209 -5.97 30.66 -28.66
C LEU A 209 -5.94 29.36 -29.45
N ARG A 210 -4.77 29.04 -29.99
CA ARG A 210 -4.57 27.81 -30.75
C ARG A 210 -3.31 27.15 -30.19
N VAL A 211 -3.40 25.86 -29.95
CA VAL A 211 -2.28 25.10 -29.41
C VAL A 211 -1.85 24.01 -30.37
N GLY A 212 -0.55 23.94 -30.63
CA GLY A 212 -0.04 22.92 -31.52
C GLY A 212 0.82 21.97 -30.73
N VAL A 213 0.55 20.67 -30.86
CA VAL A 213 1.37 19.68 -30.15
C VAL A 213 2.21 18.92 -31.18
N HIS A 214 3.24 18.22 -30.71
CA HIS A 214 4.14 17.51 -31.60
C HIS A 214 4.74 18.53 -32.56
N ALA A 215 5.02 19.72 -32.02
CA ALA A 215 5.59 20.81 -32.80
C ALA A 215 6.97 21.15 -32.23
N SER A 216 8.01 20.77 -32.98
CA SER A 216 9.38 21.01 -32.56
C SER A 216 9.90 22.34 -33.11
N VAL A 217 10.01 23.34 -32.25
CA VAL A 217 10.50 24.65 -32.67
C VAL A 217 12.02 24.59 -32.79
N GLU A 218 12.51 24.81 -34.00
CA GLU A 218 13.94 24.70 -34.29
C GLU A 218 14.71 25.99 -34.37
N LYS A 219 14.04 27.09 -34.70
CA LYS A 219 14.75 28.35 -34.84
C LYS A 219 13.85 29.58 -34.80
N ILE A 220 14.37 30.66 -34.26
CA ILE A 220 13.63 31.92 -34.20
C ILE A 220 14.05 32.68 -35.46
N ILE A 221 13.09 33.31 -36.13
CA ILE A 221 13.36 34.06 -37.35
C ILE A 221 13.52 35.53 -37.01
N PHE A 222 14.51 36.19 -37.61
CA PHE A 222 14.73 37.61 -37.35
C PHE A 222 14.74 38.44 -38.62
N SER A 223 14.70 39.76 -38.42
CA SER A 223 14.74 40.73 -39.51
C SER A 223 15.03 42.09 -38.89
N ASN A 224 15.43 43.02 -39.73
CA ASN A 224 15.71 44.38 -39.28
C ASN A 224 14.53 45.20 -39.77
N ALA A 225 13.62 45.54 -38.87
CA ALA A 225 12.41 46.28 -39.25
C ALA A 225 12.05 47.54 -38.43
N PRO A 226 12.94 48.53 -38.39
CA PRO A 226 14.29 48.59 -38.97
C PRO A 226 15.35 47.94 -38.09
N GLY A 227 15.10 47.90 -36.79
CA GLY A 227 16.06 47.31 -35.86
C GLY A 227 15.90 45.81 -35.79
N LEU A 228 16.89 45.14 -35.20
CA LEU A 228 16.85 43.69 -35.07
C LEU A 228 15.57 43.31 -34.33
N THR A 229 14.75 42.49 -34.98
CA THR A 229 13.46 42.08 -34.41
C THR A 229 13.13 40.62 -34.71
N ALA A 230 12.53 39.94 -33.73
CA ALA A 230 12.11 38.56 -33.92
C ALA A 230 10.79 38.65 -34.70
N THR A 231 10.67 37.88 -35.79
CA THR A 231 9.47 37.94 -36.61
C THR A 231 8.63 36.66 -36.58
N GLY A 232 9.20 35.58 -36.08
CA GLY A 232 8.47 34.33 -36.02
C GLY A 232 9.37 33.17 -35.69
N VAL A 233 8.90 31.95 -35.94
CA VAL A 233 9.69 30.76 -35.67
C VAL A 233 9.44 29.69 -36.70
N ILE A 234 10.38 28.75 -36.79
CA ILE A 234 10.26 27.62 -37.69
C ILE A 234 10.08 26.41 -36.80
N TYR A 235 9.05 25.61 -37.08
CA TYR A 235 8.82 24.40 -36.29
C TYR A 235 8.58 23.24 -37.24
N ARG A 236 8.82 22.02 -36.78
CA ARG A 236 8.65 20.85 -37.62
C ARG A 236 7.64 19.87 -37.05
N ASP A 237 6.88 19.21 -37.92
CA ASP A 237 5.88 18.23 -37.47
C ASP A 237 6.41 16.81 -37.57
N SER A 238 5.58 15.85 -37.16
CA SER A 238 5.96 14.44 -37.17
C SER A 238 6.26 13.86 -38.55
N ASN A 239 5.88 14.57 -39.61
CA ASN A 239 6.14 14.11 -40.97
C ASN A 239 7.48 14.65 -41.45
N GLY A 240 8.05 15.56 -40.67
CA GLY A 240 9.32 16.16 -41.03
C GLY A 240 9.10 17.45 -41.81
N THR A 241 7.84 17.82 -41.97
CA THR A 241 7.46 19.03 -42.71
C THR A 241 7.63 20.28 -41.84
N PRO A 242 8.39 21.26 -42.34
CA PRO A 242 8.59 22.50 -41.57
C PRO A 242 7.50 23.53 -41.82
N HIS A 243 7.07 24.19 -40.75
CA HIS A 243 6.05 25.22 -40.82
C HIS A 243 6.67 26.51 -40.30
N GLN A 244 5.97 27.61 -40.52
CA GLN A 244 6.43 28.91 -40.03
C GLN A 244 5.25 29.64 -39.41
N ALA A 245 5.49 30.29 -38.28
CA ALA A 245 4.46 31.06 -37.60
C ALA A 245 5.08 32.43 -37.36
N PHE A 246 4.44 33.47 -37.90
CA PHE A 246 4.93 34.83 -37.75
C PHE A 246 4.03 35.67 -36.85
N VAL A 247 4.60 36.74 -36.31
CA VAL A 247 3.83 37.65 -35.46
C VAL A 247 3.66 38.97 -36.19
N ARG A 248 2.52 39.62 -35.98
CA ARG A 248 2.22 40.88 -36.64
C ARG A 248 2.69 42.09 -35.84
N SER A 249 2.47 43.28 -36.40
CA SER A 249 2.89 44.52 -35.75
C SER A 249 2.57 44.55 -34.26
N LYS A 250 3.56 44.94 -33.46
CA LYS A 250 3.45 45.04 -32.01
C LYS A 250 3.40 43.69 -31.31
N GLY A 251 3.33 42.61 -32.08
CA GLY A 251 3.28 41.28 -31.50
C GLY A 251 4.66 40.79 -31.12
N GLU A 252 4.73 39.66 -30.42
CA GLU A 252 6.04 39.16 -29.99
C GLU A 252 6.16 37.64 -29.94
N VAL A 253 7.40 37.19 -29.98
CA VAL A 253 7.72 35.78 -29.87
C VAL A 253 8.19 35.66 -28.43
N ILE A 254 7.63 34.73 -27.67
CA ILE A 254 8.04 34.55 -26.29
C ILE A 254 8.49 33.11 -26.13
N VAL A 255 9.70 32.92 -25.64
CA VAL A 255 10.27 31.60 -25.45
C VAL A 255 10.03 31.16 -24.00
N SER A 256 9.32 30.04 -23.85
CA SER A 256 9.00 29.46 -22.55
C SER A 256 9.33 27.98 -22.63
N ALA A 257 10.47 27.69 -23.25
CA ALA A 257 10.93 26.32 -23.46
C ALA A 257 11.67 25.70 -22.27
N GLY A 258 11.70 26.42 -21.15
CA GLY A 258 12.36 25.90 -19.96
C GLY A 258 13.84 26.19 -19.81
N THR A 259 14.36 25.90 -18.63
CA THR A 259 15.76 26.10 -18.30
C THR A 259 16.69 25.45 -19.32
N ILE A 260 16.31 24.28 -19.81
CA ILE A 260 17.13 23.58 -20.80
C ILE A 260 16.79 23.98 -22.23
N GLY A 261 15.50 24.02 -22.55
CA GLY A 261 15.07 24.36 -23.89
C GLY A 261 15.22 25.80 -24.39
N THR A 262 15.10 26.77 -23.50
CA THR A 262 15.22 28.16 -23.93
C THR A 262 16.64 28.53 -24.36
N PRO A 263 17.65 28.28 -23.51
CA PRO A 263 19.01 28.64 -23.94
C PRO A 263 19.39 27.87 -25.21
N GLN A 264 18.95 26.62 -25.32
CA GLN A 264 19.25 25.81 -26.49
C GLN A 264 18.71 26.45 -27.77
N LEU A 265 17.45 26.88 -27.73
CA LEU A 265 16.83 27.50 -28.89
C LEU A 265 17.51 28.83 -29.25
N LEU A 266 17.87 29.62 -28.24
CA LEU A 266 18.53 30.90 -28.48
C LEU A 266 19.87 30.65 -29.19
N LEU A 267 20.66 29.71 -28.67
CA LEU A 267 21.95 29.40 -29.27
C LEU A 267 21.75 28.93 -30.72
N LEU A 268 20.83 28.00 -30.93
CA LEU A 268 20.58 27.48 -32.26
C LEU A 268 20.10 28.58 -33.22
N SER A 269 19.55 29.64 -32.66
CA SER A 269 19.04 30.76 -33.45
C SER A 269 20.05 31.89 -33.64
N GLY A 270 21.27 31.68 -33.16
CA GLY A 270 22.30 32.70 -33.31
C GLY A 270 22.37 33.77 -32.24
N VAL A 271 21.76 33.54 -31.09
CA VAL A 271 21.80 34.51 -30.00
C VAL A 271 22.58 33.88 -28.85
N GLY A 272 23.83 34.30 -28.70
CA GLY A 272 24.68 33.77 -27.65
C GLY A 272 26.12 34.22 -27.81
N PRO A 273 27.07 33.60 -27.09
CA PRO A 273 28.49 33.96 -27.17
C PRO A 273 29.01 33.93 -28.61
N GLU A 274 29.48 35.07 -29.08
CA GLU A 274 29.98 35.18 -30.44
C GLU A 274 31.03 34.14 -30.82
N SER A 275 32.08 34.01 -30.02
CA SER A 275 33.13 33.04 -30.33
C SER A 275 32.61 31.59 -30.31
N TYR A 276 31.68 31.31 -29.39
CA TYR A 276 31.12 29.97 -29.30
C TYR A 276 30.30 29.65 -30.56
N LEU A 277 29.38 30.54 -30.92
CA LEU A 277 28.55 30.33 -32.10
C LEU A 277 29.41 30.19 -33.35
N SER A 278 30.36 31.09 -33.52
CA SER A 278 31.23 31.04 -34.70
C SER A 278 32.00 29.73 -34.79
N SER A 279 32.45 29.22 -33.65
CA SER A 279 33.21 27.96 -33.64
C SER A 279 32.39 26.82 -34.21
N LEU A 280 31.07 26.95 -34.14
CA LEU A 280 30.18 25.92 -34.65
C LEU A 280 29.54 26.30 -35.99
N ASN A 281 29.97 27.43 -36.52
CA ASN A 281 29.45 27.92 -37.80
C ASN A 281 27.98 28.31 -37.74
N ILE A 282 27.54 28.72 -36.56
CA ILE A 282 26.16 29.18 -36.41
C ILE A 282 26.24 30.70 -36.61
N PRO A 283 25.53 31.23 -37.62
CA PRO A 283 25.57 32.68 -37.84
C PRO A 283 25.18 33.45 -36.60
N VAL A 284 25.94 34.50 -36.29
CA VAL A 284 25.65 35.31 -35.12
C VAL A 284 24.61 36.39 -35.42
N VAL A 285 23.46 36.29 -34.78
CA VAL A 285 22.40 37.29 -34.95
C VAL A 285 22.71 38.43 -34.00
N LEU A 286 23.10 38.10 -32.78
CA LEU A 286 23.47 39.09 -31.78
C LEU A 286 24.34 38.44 -30.71
N SER A 287 25.51 39.03 -30.48
CA SER A 287 26.43 38.52 -29.47
C SER A 287 25.76 38.71 -28.11
N HIS A 288 25.56 37.59 -27.40
CA HIS A 288 24.93 37.61 -26.08
C HIS A 288 25.73 36.62 -25.24
N PRO A 289 26.79 37.11 -24.57
CA PRO A 289 27.66 36.30 -23.73
C PRO A 289 27.08 35.42 -22.64
N TYR A 290 25.93 35.80 -22.09
CA TYR A 290 25.37 35.04 -20.99
C TYR A 290 24.28 34.00 -21.30
N VAL A 291 23.98 33.80 -22.59
CA VAL A 291 22.98 32.80 -22.95
C VAL A 291 23.57 31.43 -22.63
N GLY A 292 22.87 30.66 -21.81
CA GLY A 292 23.36 29.34 -21.44
C GLY A 292 24.28 29.38 -20.24
N GLN A 293 24.49 30.57 -19.68
CA GLN A 293 25.36 30.70 -18.51
C GLN A 293 24.51 30.79 -17.25
N PHE A 294 25.14 30.49 -16.12
CA PHE A 294 24.49 30.54 -14.82
C PHE A 294 23.33 29.54 -14.69
N LEU A 295 23.66 28.27 -14.90
CA LEU A 295 22.69 27.18 -14.77
C LEU A 295 22.84 26.64 -13.36
N HIS A 296 21.76 26.70 -12.57
CA HIS A 296 21.78 26.26 -11.18
C HIS A 296 20.88 25.05 -10.91
N ASP A 297 21.36 24.09 -10.14
CA ASP A 297 20.53 22.95 -9.77
C ASP A 297 20.69 22.67 -8.29
N ASN A 298 19.65 22.95 -7.52
CA ASN A 298 19.70 22.71 -6.07
C ASN A 298 19.95 21.24 -5.82
N PRO A 299 20.96 20.92 -5.01
CA PRO A 299 21.22 19.51 -4.72
C PRO A 299 20.21 18.89 -3.75
N ARG A 300 19.97 17.61 -3.94
CA ARG A 300 19.07 16.87 -3.07
C ARG A 300 19.89 15.79 -2.40
N ASN A 301 19.83 15.73 -1.08
CA ASN A 301 20.52 14.70 -0.34
C ASN A 301 19.39 14.05 0.44
N PHE A 302 19.54 12.78 0.78
CA PHE A 302 18.44 12.07 1.40
C PHE A 302 18.80 10.82 2.16
N ILE A 303 17.78 10.27 2.84
CA ILE A 303 17.89 9.03 3.56
C ILE A 303 16.61 8.24 3.30
N ASN A 304 16.77 6.99 2.86
CA ASN A 304 15.64 6.12 2.60
C ASN A 304 15.57 5.09 3.72
N ILE A 305 14.45 5.03 4.43
CA ILE A 305 14.30 4.02 5.47
C ILE A 305 13.27 2.98 5.03
N LEU A 306 13.51 1.73 5.45
CA LEU A 306 12.64 0.61 5.12
C LEU A 306 12.04 0.13 6.44
N PRO A 307 10.84 0.63 6.80
CA PRO A 307 10.16 0.25 8.04
C PRO A 307 9.84 -1.24 8.13
N PRO A 308 9.96 -1.82 9.33
CA PRO A 308 9.66 -3.25 9.52
C PRO A 308 8.16 -3.48 9.34
N ASN A 309 7.39 -2.41 9.55
CA ASN A 309 5.95 -2.47 9.37
C ASN A 309 5.61 -1.57 8.20
N PRO A 310 4.92 -2.11 7.19
CA PRO A 310 4.52 -1.37 5.99
C PRO A 310 3.87 -0.01 6.26
N ILE A 311 4.19 0.95 5.39
CA ILE A 311 3.59 2.27 5.47
C ILE A 311 2.91 2.51 4.13
N GLU A 312 1.89 3.35 4.11
CA GLU A 312 1.15 3.61 2.89
C GLU A 312 1.75 4.73 2.05
N PRO A 313 1.63 4.64 0.71
CA PRO A 313 2.17 5.67 -0.16
C PRO A 313 1.41 6.99 0.02
N THR A 314 2.13 8.10 -0.08
CA THR A 314 1.53 9.41 0.11
C THR A 314 2.09 10.42 -0.87
N ILE A 315 1.36 11.53 -1.02
CA ILE A 315 1.84 12.62 -1.86
C ILE A 315 2.46 13.61 -0.87
N VAL A 316 3.53 14.27 -1.27
CA VAL A 316 4.20 15.22 -0.39
C VAL A 316 3.32 16.44 -0.10
N THR A 317 3.10 16.71 1.19
CA THR A 317 2.29 17.86 1.59
C THR A 317 2.91 18.60 2.79
N VAL A 318 3.68 17.88 3.60
CA VAL A 318 4.31 18.49 4.78
C VAL A 318 5.74 18.95 4.48
N LEU A 319 5.99 20.23 4.71
CA LEU A 319 7.31 20.80 4.46
C LEU A 319 7.97 21.32 5.74
N GLY A 320 9.25 21.02 5.88
CA GLY A 320 10.03 21.47 7.02
C GLY A 320 11.03 22.46 6.44
N ILE A 321 10.72 23.74 6.60
CA ILE A 321 11.53 24.81 6.03
C ILE A 321 12.52 25.51 6.96
N SER A 322 13.79 25.49 6.57
CA SER A 322 14.83 26.19 7.32
C SER A 322 15.32 27.25 6.34
N ASN A 323 16.10 28.21 6.82
CA ASN A 323 16.57 29.26 5.92
C ASN A 323 17.55 28.79 4.86
N ASP A 324 18.37 27.80 5.19
CA ASP A 324 19.37 27.31 4.25
C ASP A 324 19.07 26.00 3.55
N PHE A 325 18.00 25.32 3.98
CA PHE A 325 17.62 24.05 3.38
C PHE A 325 16.14 23.76 3.60
N TYR A 326 15.53 23.02 2.69
CA TYR A 326 14.11 22.71 2.74
C TYR A 326 13.93 21.20 2.74
N GLN A 327 13.02 20.69 3.57
CA GLN A 327 12.87 19.25 3.68
C GLN A 327 11.44 18.70 3.63
N CYS A 328 11.34 17.41 3.33
CA CYS A 328 10.05 16.75 3.24
C CYS A 328 10.26 15.24 3.18
N SER A 329 9.17 14.49 3.17
CA SER A 329 9.26 13.04 3.11
C SER A 329 8.21 12.48 2.16
N PHE A 330 8.61 11.48 1.40
CA PHE A 330 7.75 10.82 0.42
C PHE A 330 7.74 9.33 0.74
N SER A 331 6.55 8.74 0.89
CA SER A 331 6.46 7.30 1.14
C SER A 331 5.94 6.67 -0.14
N SER A 332 6.49 5.51 -0.49
CA SER A 332 6.09 4.85 -1.73
C SER A 332 6.15 3.34 -1.68
N LEU A 333 5.64 2.71 -2.73
CA LEU A 333 5.63 1.26 -2.87
C LEU A 333 6.98 0.79 -3.40
N PRO A 334 7.27 -0.51 -3.25
CA PRO A 334 8.53 -1.10 -3.72
C PRO A 334 8.49 -1.25 -5.24
N PHE A 335 9.63 -1.53 -5.85
CA PHE A 335 9.69 -1.69 -7.31
C PHE A 335 11.01 -2.32 -7.76
N THR A 336 11.01 -2.90 -8.97
CA THR A 336 12.21 -3.50 -9.52
C THR A 336 12.73 -2.67 -10.69
N THR A 337 11.88 -1.77 -11.18
CA THR A 337 12.26 -0.87 -12.27
C THR A 337 12.49 0.48 -11.63
N PRO A 338 13.72 1.00 -11.71
CA PRO A 338 14.03 2.29 -11.10
C PRO A 338 13.46 3.52 -11.79
N PRO A 339 12.95 4.48 -11.00
CA PRO A 339 12.38 5.70 -11.57
C PRO A 339 13.61 6.56 -11.89
N PHE A 340 13.87 6.78 -13.17
CA PHE A 340 15.04 7.55 -13.56
C PHE A 340 15.08 8.93 -12.92
N GLY A 341 16.24 9.28 -12.36
CA GLY A 341 16.40 10.57 -11.72
C GLY A 341 16.12 10.57 -10.22
N PHE A 342 15.40 9.56 -9.74
CA PHE A 342 15.08 9.48 -8.31
C PHE A 342 16.40 9.30 -7.56
N PHE A 343 17.16 8.29 -7.96
CA PHE A 343 18.45 8.04 -7.37
C PHE A 343 19.40 8.62 -8.42
N PRO A 344 20.56 9.15 -8.00
CA PRO A 344 21.52 9.75 -8.93
C PRO A 344 22.10 8.92 -10.07
N SER A 345 22.06 7.60 -9.95
CA SER A 345 22.58 6.74 -11.01
C SER A 345 21.83 5.41 -11.05
N SER A 346 22.07 4.65 -12.10
CA SER A 346 21.41 3.37 -12.29
C SER A 346 21.88 2.26 -11.35
N SER A 347 23.11 2.38 -10.84
CA SER A 347 23.62 1.36 -9.94
C SER A 347 23.26 1.73 -8.51
N TYR A 348 21.98 1.53 -8.18
CA TYR A 348 21.46 1.84 -6.85
C TYR A 348 20.53 0.68 -6.46
N PRO A 349 20.52 0.30 -5.18
CA PRO A 349 19.66 -0.80 -4.73
C PRO A 349 18.17 -0.50 -4.84
N LEU A 350 17.39 -1.53 -5.16
CA LEU A 350 15.95 -1.40 -5.32
C LEU A 350 15.20 -1.81 -4.04
N PRO A 351 14.11 -1.10 -3.72
CA PRO A 351 13.34 -1.42 -2.51
C PRO A 351 12.34 -2.54 -2.79
N ASN A 352 12.39 -3.60 -1.98
CA ASN A 352 11.47 -4.72 -2.17
C ASN A 352 10.32 -4.66 -1.16
N SER A 353 10.22 -3.54 -0.46
CA SER A 353 9.17 -3.29 0.53
C SER A 353 8.86 -1.80 0.49
N THR A 354 7.81 -1.36 1.20
CA THR A 354 7.47 0.05 1.21
C THR A 354 8.60 0.84 1.88
N PHE A 355 8.79 2.09 1.46
CA PHE A 355 9.86 2.88 2.05
C PHE A 355 9.51 4.35 2.15
N ALA A 356 10.31 5.08 2.92
CA ALA A 356 10.13 6.51 3.11
C ALA A 356 11.41 7.20 2.67
N HIS A 357 11.25 8.25 1.87
CA HIS A 357 12.37 9.03 1.35
C HIS A 357 12.41 10.39 2.03
N PHE A 358 13.38 10.61 2.92
CA PHE A 358 13.50 11.91 3.58
C PHE A 358 14.49 12.72 2.74
N ALA A 359 13.99 13.80 2.14
CA ALA A 359 14.82 14.62 1.27
C ALA A 359 15.14 16.00 1.82
N SER A 360 16.31 16.52 1.42
CA SER A 360 16.77 17.83 1.86
C SER A 360 17.33 18.61 0.67
N LYS A 361 16.74 19.77 0.42
CA LYS A 361 17.14 20.64 -0.69
C LYS A 361 17.92 21.86 -0.18
N VAL A 362 19.12 22.06 -0.70
CA VAL A 362 19.92 23.21 -0.29
C VAL A 362 19.37 24.46 -0.98
N ALA A 363 19.26 25.55 -0.23
CA ALA A 363 18.75 26.82 -0.76
C ALA A 363 19.68 27.39 -1.83
N GLY A 364 19.13 28.22 -2.72
CA GLY A 364 19.94 28.82 -3.77
C GLY A 364 19.80 28.10 -5.10
N PRO A 365 20.85 27.37 -5.54
CA PRO A 365 22.13 27.17 -4.86
C PRO A 365 23.10 28.25 -5.32
N LEU A 366 24.21 28.40 -4.61
CA LEU A 366 25.20 29.40 -4.99
C LEU A 366 26.05 28.87 -6.14
N SER A 367 26.23 27.55 -6.20
CA SER A 367 27.02 26.89 -7.23
C SER A 367 26.26 26.92 -8.54
N TYR A 368 26.99 27.02 -9.65
CA TYR A 368 26.35 27.04 -10.96
C TYR A 368 27.29 26.53 -12.05
N GLY A 369 26.68 26.20 -13.19
CA GLY A 369 27.42 25.72 -14.35
C GLY A 369 26.86 26.35 -15.60
N SER A 370 27.03 25.68 -16.73
CA SER A 370 26.54 26.22 -17.99
C SER A 370 25.95 25.16 -18.90
N LEU A 371 25.28 25.63 -19.95
CA LEU A 371 24.67 24.77 -20.94
C LEU A 371 25.32 25.02 -22.29
N THR A 372 25.60 23.95 -23.02
CA THR A 372 26.21 24.03 -24.34
C THR A 372 25.48 23.04 -25.25
N LEU A 373 25.56 23.25 -26.56
CA LEU A 373 24.89 22.37 -27.50
C LEU A 373 25.65 21.07 -27.72
N LYS A 374 24.91 19.97 -27.90
CA LYS A 374 25.55 18.69 -28.22
C LYS A 374 25.47 18.57 -29.74
N SER A 375 24.41 19.16 -30.30
CA SER A 375 24.22 19.18 -31.74
C SER A 375 24.10 20.65 -32.16
N SER A 376 24.83 21.04 -33.19
CA SER A 376 24.78 22.42 -33.65
C SER A 376 23.59 22.69 -34.56
N SER A 377 22.81 21.65 -34.85
CA SER A 377 21.67 21.82 -35.76
C SER A 377 20.36 21.14 -35.39
N ASN A 378 20.41 20.12 -34.53
CA ASN A 378 19.21 19.38 -34.16
C ASN A 378 18.71 19.72 -32.76
N VAL A 379 17.57 20.40 -32.69
CA VAL A 379 16.97 20.80 -31.42
C VAL A 379 16.44 19.60 -30.62
N ARG A 380 16.30 18.45 -31.27
CA ARG A 380 15.80 17.26 -30.58
C ARG A 380 16.92 16.53 -29.83
N VAL A 381 18.14 17.01 -29.99
CA VAL A 381 19.29 16.41 -29.30
C VAL A 381 19.52 17.21 -28.01
N SER A 382 19.39 16.53 -26.87
CA SER A 382 19.55 17.18 -25.58
C SER A 382 20.87 17.93 -25.44
N PRO A 383 20.82 19.15 -24.88
CA PRO A 383 22.03 19.97 -24.68
C PRO A 383 22.88 19.39 -23.55
N ASN A 384 24.13 19.79 -23.50
CA ASN A 384 25.03 19.35 -22.44
C ASN A 384 24.83 20.35 -21.31
N VAL A 385 24.75 19.86 -20.08
CA VAL A 385 24.59 20.77 -18.94
C VAL A 385 25.42 20.30 -17.76
N LYS A 386 26.06 21.26 -17.08
CA LYS A 386 26.85 20.95 -15.90
C LYS A 386 26.42 21.90 -14.80
N PHE A 387 26.24 21.38 -13.59
CA PHE A 387 25.78 22.21 -12.47
C PHE A 387 26.83 22.52 -11.41
N ASN A 388 27.93 21.77 -11.41
CA ASN A 388 29.02 21.96 -10.45
C ASN A 388 28.57 21.93 -9.00
N TYR A 389 27.85 20.88 -8.65
CA TYR A 389 27.36 20.72 -7.29
C TYR A 389 28.47 20.92 -6.28
N TYR A 390 28.16 21.68 -5.23
CA TYR A 390 29.08 21.95 -4.14
C TYR A 390 30.40 22.63 -4.50
N SER A 391 30.46 23.26 -5.67
CA SER A 391 31.68 23.97 -6.06
C SER A 391 31.81 25.18 -5.13
N ASN A 392 30.67 25.68 -4.68
CA ASN A 392 30.65 26.79 -3.72
C ASN A 392 30.50 26.12 -2.36
N LEU A 393 31.51 26.27 -1.51
CA LEU A 393 31.50 25.63 -0.21
C LEU A 393 30.36 26.01 0.72
N THR A 394 29.73 27.15 0.50
CA THR A 394 28.61 27.55 1.35
C THR A 394 27.47 26.57 1.12
N ASP A 395 27.31 26.09 -0.11
CA ASP A 395 26.26 25.12 -0.41
C ASP A 395 26.52 23.86 0.40
N LEU A 396 27.79 23.46 0.46
CA LEU A 396 28.18 22.26 1.20
C LEU A 396 27.88 22.41 2.69
N SER A 397 28.18 23.58 3.25
CA SER A 397 27.92 23.81 4.66
C SER A 397 26.42 23.68 4.93
N HIS A 398 25.62 24.16 3.99
CA HIS A 398 24.18 24.07 4.14
C HIS A 398 23.69 22.62 4.02
N CYS A 399 24.36 21.82 3.19
CA CYS A 399 23.98 20.41 3.05
C CYS A 399 24.24 19.72 4.37
N VAL A 400 25.41 19.99 4.96
CA VAL A 400 25.77 19.38 6.22
C VAL A 400 24.73 19.70 7.28
N SER A 401 24.36 20.97 7.41
CA SER A 401 23.36 21.37 8.39
C SER A 401 22.04 20.66 8.09
N GLY A 402 21.69 20.60 6.82
CA GLY A 402 20.46 19.94 6.42
C GLY A 402 20.43 18.46 6.78
N MET A 403 21.51 17.75 6.49
CA MET A 403 21.53 16.32 6.81
C MET A 403 21.59 16.08 8.31
N LYS A 404 22.14 17.02 9.07
CA LYS A 404 22.17 16.87 10.52
C LYS A 404 20.72 17.00 11.00
N LYS A 405 19.94 17.85 10.35
CA LYS A 405 18.54 18.01 10.76
C LYS A 405 17.79 16.71 10.44
N ILE A 406 18.13 16.07 9.32
CA ILE A 406 17.49 14.80 8.99
C ILE A 406 17.87 13.80 10.09
N GLY A 407 19.11 13.88 10.55
CA GLY A 407 19.55 13.00 11.62
C GLY A 407 18.69 13.20 12.85
N GLU A 408 18.32 14.46 13.11
CA GLU A 408 17.46 14.76 14.25
C GLU A 408 16.12 14.09 14.07
N LEU A 409 15.56 14.18 12.87
CA LEU A 409 14.28 13.57 12.56
C LEU A 409 14.35 12.07 12.84
N LEU A 410 15.45 11.45 12.42
CA LEU A 410 15.64 10.01 12.62
C LEU A 410 15.79 9.63 14.09
N SER A 411 16.11 10.60 14.92
CA SER A 411 16.31 10.36 16.36
C SER A 411 15.09 10.73 17.22
N THR A 412 14.01 11.15 16.58
CA THR A 412 12.80 11.55 17.29
C THR A 412 11.96 10.38 17.80
N ASP A 413 11.11 10.64 18.79
CA ASP A 413 10.21 9.61 19.31
C ASP A 413 9.30 9.22 18.15
N ALA A 414 8.94 10.22 17.34
CA ALA A 414 8.05 10.02 16.20
C ALA A 414 8.52 8.95 15.21
N LEU A 415 9.82 8.86 14.97
CA LEU A 415 10.31 7.88 14.03
C LEU A 415 10.80 6.56 14.64
N LYS A 416 10.76 6.45 15.97
CA LYS A 416 11.20 5.23 16.64
C LYS A 416 10.50 3.97 16.14
N PRO A 417 9.16 4.03 15.99
CA PRO A 417 8.40 2.87 15.52
C PRO A 417 8.81 2.34 14.15
N TYR A 418 9.63 3.10 13.44
CA TYR A 418 10.04 2.69 12.11
C TYR A 418 11.46 2.13 12.01
N LYS A 419 12.08 1.93 13.17
CA LYS A 419 13.42 1.36 13.23
C LYS A 419 13.22 -0.16 13.28
N VAL A 420 14.23 -0.91 12.84
CA VAL A 420 14.14 -2.36 12.88
C VAL A 420 14.72 -2.83 14.22
N GLU A 421 15.62 -2.03 14.77
CA GLU A 421 16.27 -2.31 16.05
C GLU A 421 16.31 -1.02 16.87
N ASP A 422 16.10 -1.13 18.17
CA ASP A 422 16.12 0.05 19.03
C ASP A 422 17.55 0.42 19.43
N LEU A 423 18.30 0.97 18.48
CA LEU A 423 19.68 1.39 18.72
C LEU A 423 19.71 2.89 19.01
N PRO A 424 20.78 3.38 19.65
CA PRO A 424 20.90 4.80 19.98
C PRO A 424 21.09 5.72 18.77
N GLY A 425 20.73 6.99 18.96
CA GLY A 425 20.88 7.98 17.90
C GLY A 425 20.10 7.68 16.62
N VAL A 426 20.79 7.80 15.49
CA VAL A 426 20.18 7.57 14.19
C VAL A 426 20.28 6.12 13.74
N GLU A 427 20.86 5.27 14.58
CA GLU A 427 21.02 3.87 14.24
C GLU A 427 19.78 3.03 14.51
N GLY A 428 19.69 1.88 13.84
CA GLY A 428 18.55 1.00 14.04
C GLY A 428 17.61 0.86 12.86
N PHE A 429 17.74 1.75 11.88
CA PHE A 429 16.89 1.69 10.70
C PHE A 429 17.46 0.76 9.64
N ASN A 430 16.58 0.25 8.79
CA ASN A 430 16.99 -0.58 7.66
C ASN A 430 17.12 0.51 6.59
N ILE A 431 18.34 0.80 6.17
CA ILE A 431 18.58 1.85 5.18
C ILE A 431 18.76 1.35 3.76
N LEU A 432 18.12 2.03 2.81
CA LEU A 432 18.26 1.70 1.40
C LEU A 432 19.23 2.74 0.85
N GLY A 433 20.45 2.31 0.53
CA GLY A 433 21.42 3.25 0.01
C GLY A 433 22.44 3.70 1.04
N ILE A 434 23.04 4.86 0.82
CA ILE A 434 24.07 5.38 1.72
C ILE A 434 23.50 5.94 3.03
N PRO A 435 23.95 5.38 4.17
CA PRO A 435 23.48 5.82 5.48
C PRO A 435 24.21 7.07 6.00
N LEU A 436 23.59 7.76 6.96
CA LEU A 436 24.20 8.94 7.55
C LEU A 436 25.35 8.50 8.43
N PRO A 437 26.32 9.40 8.66
CA PRO A 437 27.44 9.05 9.54
C PRO A 437 26.79 8.85 10.91
N LYS A 438 27.29 7.92 11.72
CA LYS A 438 26.71 7.68 13.03
C LYS A 438 26.89 8.88 13.96
N ASP A 439 28.11 9.43 13.96
CA ASP A 439 28.46 10.58 14.79
C ASP A 439 27.85 11.85 14.19
N GLN A 440 26.85 12.41 14.86
CA GLN A 440 26.19 13.61 14.35
C GLN A 440 27.02 14.89 14.48
N THR A 441 28.21 14.80 15.05
CA THR A 441 29.07 15.96 15.20
C THR A 441 30.30 15.86 14.29
N ASP A 442 30.37 14.81 13.49
CA ASP A 442 31.50 14.62 12.58
C ASP A 442 31.25 15.35 11.25
N ASP A 443 31.56 16.64 11.22
CA ASP A 443 31.35 17.46 10.04
C ASP A 443 32.02 16.92 8.78
N ALA A 444 33.29 16.50 8.90
CA ALA A 444 34.00 15.98 7.75
C ALA A 444 33.28 14.77 7.14
N ALA A 445 32.74 13.91 8.00
CA ALA A 445 32.02 12.73 7.53
C ALA A 445 30.75 13.15 6.80
N PHE A 446 30.11 14.21 7.29
CA PHE A 446 28.89 14.69 6.65
C PHE A 446 29.20 15.34 5.30
N GLU A 447 30.35 15.98 5.19
CA GLU A 447 30.73 16.60 3.92
C GLU A 447 30.93 15.50 2.88
N THR A 448 31.55 14.40 3.29
CA THR A 448 31.78 13.28 2.39
C THR A 448 30.43 12.67 1.99
N PHE A 449 29.53 12.54 2.96
CA PHE A 449 28.21 11.99 2.68
C PHE A 449 27.50 12.88 1.66
N CYS A 450 27.54 14.18 1.88
CA CYS A 450 26.90 15.14 0.98
C CYS A 450 27.41 15.04 -0.44
N ARG A 451 28.73 15.01 -0.59
CA ARG A 451 29.34 14.94 -1.92
C ARG A 451 29.09 13.64 -2.67
N GLU A 452 29.28 12.51 -2.00
CA GLU A 452 29.12 11.22 -2.64
C GLU A 452 27.70 10.69 -2.83
N SER A 453 26.73 11.24 -2.10
CA SER A 453 25.36 10.75 -2.21
C SER A 453 24.41 11.71 -2.91
N VAL A 454 24.92 12.86 -3.32
CA VAL A 454 24.09 13.89 -3.96
C VAL A 454 23.30 13.45 -5.20
N ALA A 455 22.12 14.06 -5.35
CA ALA A 455 21.23 13.81 -6.49
C ALA A 455 20.61 15.15 -6.84
N SER A 456 19.77 15.19 -7.88
CA SER A 456 19.12 16.44 -8.25
C SER A 456 17.74 16.52 -7.61
N TYR A 457 17.33 17.72 -7.22
CA TYR A 457 16.01 17.91 -6.65
C TYR A 457 15.05 18.21 -7.80
N TRP A 458 15.60 18.24 -9.01
CA TRP A 458 14.85 18.49 -10.26
C TRP A 458 14.33 19.91 -10.37
N HIS A 459 14.83 20.81 -9.53
CA HIS A 459 14.38 22.19 -9.57
C HIS A 459 15.39 23.13 -10.23
N TYR A 460 16.14 22.60 -11.19
CA TYR A 460 17.14 23.41 -11.89
C TYR A 460 16.48 24.62 -12.53
N HIS A 461 17.25 25.69 -12.66
CA HIS A 461 16.75 26.94 -13.21
C HIS A 461 17.94 27.77 -13.69
N GLY A 462 17.65 28.93 -14.27
CA GLY A 462 18.70 29.80 -14.76
C GLY A 462 19.05 29.54 -16.21
N GLY A 463 20.12 30.18 -16.70
CA GLY A 463 20.54 30.00 -18.08
C GLY A 463 20.21 31.14 -19.02
N CYS A 464 19.31 32.04 -18.59
CA CYS A 464 18.90 33.19 -19.39
C CYS A 464 18.43 34.23 -18.39
N LEU A 465 19.35 34.62 -17.52
CA LEU A 465 19.05 35.54 -16.42
C LEU A 465 18.67 36.98 -16.69
N VAL A 466 17.75 37.48 -15.84
CA VAL A 466 17.34 38.86 -15.88
C VAL A 466 18.59 39.58 -15.40
N GLY A 467 19.00 40.62 -16.13
CA GLY A 467 20.19 41.36 -15.75
C GLY A 467 21.44 40.88 -16.47
N LYS A 468 21.32 39.76 -17.18
CA LYS A 468 22.44 39.21 -17.94
C LYS A 468 22.05 39.09 -19.41
N VAL A 469 20.90 38.45 -19.66
CA VAL A 469 20.41 38.30 -21.02
C VAL A 469 19.12 39.10 -21.21
N LEU A 470 18.29 39.13 -20.17
CA LEU A 470 17.01 39.83 -20.21
C LEU A 470 16.99 41.11 -19.38
N ASP A 471 16.03 41.99 -19.67
CA ASP A 471 15.89 43.21 -18.89
C ASP A 471 14.75 42.99 -17.89
N GLY A 472 14.38 44.04 -17.16
CA GLY A 472 13.33 43.91 -16.15
C GLY A 472 11.94 43.58 -16.63
N ASP A 473 11.73 43.62 -17.94
CA ASP A 473 10.44 43.32 -18.54
C ASP A 473 10.51 41.97 -19.27
N PHE A 474 11.58 41.24 -19.01
CA PHE A 474 11.84 39.93 -19.60
C PHE A 474 12.12 39.94 -21.10
N ARG A 475 12.49 41.10 -21.62
CA ARG A 475 12.83 41.21 -23.03
C ARG A 475 14.29 40.81 -23.21
N VAL A 476 14.60 40.16 -24.32
CA VAL A 476 15.99 39.80 -24.61
C VAL A 476 16.61 41.12 -25.06
N THR A 477 17.61 41.59 -24.32
CA THR A 477 18.22 42.88 -24.67
C THR A 477 18.79 42.92 -26.09
N GLY A 478 18.60 44.05 -26.75
CA GLY A 478 19.12 44.22 -28.10
C GLY A 478 18.25 43.66 -29.22
N ILE A 479 17.18 42.96 -28.86
CA ILE A 479 16.29 42.38 -29.85
C ILE A 479 14.84 42.77 -29.56
N ASN A 480 14.13 43.26 -30.57
CA ASN A 480 12.74 43.66 -30.39
C ASN A 480 11.80 42.46 -30.59
N ALA A 481 10.62 42.55 -29.99
CA ALA A 481 9.59 41.51 -30.10
C ALA A 481 10.02 40.12 -29.66
N LEU A 482 10.90 40.04 -28.67
CA LEU A 482 11.36 38.75 -28.17
C LEU A 482 11.52 38.74 -26.66
N ARG A 483 10.83 37.84 -25.99
CA ARG A 483 10.94 37.74 -24.53
C ARG A 483 11.16 36.30 -24.12
N VAL A 484 11.49 36.11 -22.85
CA VAL A 484 11.71 34.79 -22.29
C VAL A 484 10.95 34.76 -20.96
N VAL A 485 10.08 33.76 -20.80
CA VAL A 485 9.29 33.64 -19.58
C VAL A 485 9.18 32.16 -19.17
N ASP A 486 9.97 31.76 -18.18
CA ASP A 486 9.99 30.40 -17.66
C ASP A 486 11.04 30.31 -16.54
N GLY A 487 11.42 29.09 -16.16
CA GLY A 487 12.39 28.94 -15.09
C GLY A 487 13.83 29.33 -15.36
N SER A 488 14.13 29.77 -16.58
CA SER A 488 15.50 30.15 -16.94
C SER A 488 15.92 31.56 -16.55
N THR A 489 14.98 32.37 -16.05
CA THR A 489 15.29 33.77 -15.77
C THR A 489 15.90 34.23 -14.45
N PHE A 490 15.99 33.37 -13.45
CA PHE A 490 16.58 33.76 -12.17
C PHE A 490 17.59 32.75 -11.66
N PRO A 491 18.62 33.22 -10.94
CA PRO A 491 19.67 32.35 -10.39
C PRO A 491 19.32 31.50 -9.17
N TYR A 492 18.38 31.97 -8.36
CA TYR A 492 18.02 31.24 -7.15
C TYR A 492 16.59 30.75 -7.16
N THR A 493 16.33 29.65 -6.47
CA THR A 493 15.00 29.09 -6.42
C THR A 493 14.11 29.98 -5.54
N PRO A 494 12.88 30.24 -6.00
CA PRO A 494 11.89 31.08 -5.32
C PRO A 494 11.28 30.52 -4.03
N ALA A 495 11.34 29.20 -3.86
CA ALA A 495 10.80 28.56 -2.68
C ALA A 495 11.31 27.13 -2.66
N SER A 496 10.81 26.33 -1.73
CA SER A 496 11.21 24.93 -1.63
C SER A 496 10.78 24.20 -2.90
N HIS A 497 9.66 24.65 -3.47
CA HIS A 497 9.10 24.07 -4.68
C HIS A 497 8.72 25.28 -5.53
N PRO A 498 9.35 25.40 -6.71
CA PRO A 498 9.14 26.51 -7.66
C PRO A 498 7.98 26.56 -8.64
N GLN A 499 7.21 25.50 -8.80
CA GLN A 499 6.14 25.58 -9.80
C GLN A 499 5.14 26.72 -9.56
N GLY A 500 4.81 26.98 -8.30
CA GLY A 500 3.88 28.06 -8.01
C GLY A 500 4.35 29.39 -8.57
N PHE A 501 5.64 29.67 -8.39
CA PHE A 501 6.21 30.92 -8.88
C PHE A 501 6.24 30.96 -10.41
N TYR A 502 6.62 29.86 -11.05
CA TYR A 502 6.69 29.83 -12.51
C TYR A 502 5.29 29.88 -13.14
N LEU A 503 4.30 29.29 -12.48
CA LEU A 503 2.92 29.34 -13.00
C LEU A 503 2.47 30.79 -12.95
N MET A 504 2.72 31.44 -11.83
CA MET A 504 2.35 32.84 -11.62
C MET A 504 3.07 33.73 -12.64
N LEU A 505 4.36 33.47 -12.82
CA LEU A 505 5.16 34.26 -13.75
C LEU A 505 4.57 34.34 -15.15
N GLY A 506 4.05 33.21 -15.64
CA GLY A 506 3.48 33.17 -16.97
C GLY A 506 2.39 34.20 -17.16
N ARG A 507 1.38 34.17 -16.30
CA ARG A 507 0.29 35.12 -16.41
C ARG A 507 0.73 36.53 -16.05
N TYR A 508 1.60 36.65 -15.05
CA TYR A 508 2.09 37.97 -14.63
C TYR A 508 2.64 38.75 -15.82
N VAL A 509 3.57 38.13 -16.55
CA VAL A 509 4.16 38.81 -17.70
C VAL A 509 3.10 39.01 -18.78
N GLY A 510 2.17 38.08 -18.88
CA GLY A 510 1.11 38.21 -19.86
C GLY A 510 0.32 39.49 -19.60
N ILE A 511 0.00 39.73 -18.33
CA ILE A 511 -0.75 40.92 -17.94
C ILE A 511 0.08 42.19 -18.20
N LYS A 512 1.38 42.11 -17.94
CA LYS A 512 2.24 43.27 -18.17
C LYS A 512 2.22 43.63 -19.66
N ILE A 513 2.23 42.60 -20.51
CA ILE A 513 2.21 42.83 -21.95
C ILE A 513 0.88 43.46 -22.36
N LEU A 514 -0.22 42.98 -21.81
CA LEU A 514 -1.53 43.53 -22.13
C LEU A 514 -1.64 44.98 -21.68
N GLN A 515 -1.08 45.29 -20.51
CA GLN A 515 -1.14 46.66 -20.01
C GLN A 515 -0.32 47.56 -20.92
N GLU A 516 0.78 47.03 -21.44
CA GLU A 516 1.64 47.78 -22.34
C GLU A 516 0.93 48.05 -23.66
N ARG A 517 0.21 47.05 -24.16
CA ARG A 517 -0.53 47.20 -25.42
C ARG A 517 -1.68 48.20 -25.23
N SER A 518 -2.25 48.23 -24.03
CA SER A 518 -3.35 49.15 -23.74
C SER A 518 -2.87 50.59 -23.83
N ALA A 519 -1.69 50.84 -23.29
CA ALA A 519 -1.12 52.17 -23.27
C ALA A 519 -0.71 52.67 -24.65
N SER A 520 -0.36 51.74 -25.55
CA SER A 520 0.07 52.12 -26.88
C SER A 520 -1.02 52.06 -27.94
N ASP A 521 -2.25 51.74 -27.54
CA ASP A 521 -3.35 51.69 -28.50
C ASP A 521 -3.63 53.08 -29.07
N LEU B 1 -28.96 -16.98 21.66
CA LEU B 1 -28.76 -18.43 21.44
C LEU B 1 -29.91 -19.01 20.62
N ALA B 2 -29.63 -20.12 19.94
CA ALA B 2 -30.63 -20.77 19.10
C ALA B 2 -31.34 -21.90 19.82
N THR B 3 -32.36 -22.44 19.15
CA THR B 3 -33.15 -23.54 19.69
C THR B 3 -32.96 -24.76 18.80
N THR B 4 -32.71 -25.91 19.42
CA THR B 4 -32.50 -27.16 18.70
C THR B 4 -33.43 -27.34 17.50
N SER B 5 -32.84 -27.70 16.36
CA SER B 5 -33.59 -27.93 15.12
C SER B 5 -32.70 -28.67 14.12
N ASP B 6 -33.28 -29.08 13.00
CA ASP B 6 -32.49 -29.77 11.99
C ASP B 6 -31.53 -28.77 11.35
N HIS B 7 -30.46 -29.29 10.76
CA HIS B 7 -29.50 -28.43 10.08
C HIS B 7 -30.30 -27.79 8.96
N ASP B 8 -30.26 -26.47 8.87
CA ASP B 8 -31.01 -25.72 7.85
C ASP B 8 -30.33 -25.65 6.49
N PHE B 9 -30.81 -26.46 5.54
CA PHE B 9 -30.25 -26.48 4.19
C PHE B 9 -31.10 -25.69 3.19
N SER B 10 -31.82 -24.68 3.66
CA SER B 10 -32.66 -23.88 2.78
C SER B 10 -31.83 -23.23 1.67
N TYR B 11 -30.58 -22.91 1.98
CA TYR B 11 -29.69 -22.27 1.03
C TYR B 11 -29.36 -23.11 -0.21
N LEU B 12 -29.71 -24.39 -0.17
CA LEU B 12 -29.43 -25.25 -1.32
C LEU B 12 -30.13 -24.73 -2.58
N SER B 13 -31.16 -23.90 -2.38
CA SER B 13 -31.90 -23.34 -3.50
C SER B 13 -31.01 -22.48 -4.40
N PHE B 14 -29.95 -21.93 -3.82
CA PHE B 14 -29.04 -21.11 -4.61
C PHE B 14 -27.60 -21.63 -4.61
N ALA B 15 -27.45 -22.94 -4.39
CA ALA B 15 -26.13 -23.56 -4.40
C ALA B 15 -25.99 -24.33 -5.71
N TYR B 16 -24.86 -24.17 -6.38
CA TYR B 16 -24.64 -24.84 -7.65
C TYR B 16 -23.26 -25.47 -7.73
N ASP B 17 -23.13 -26.52 -8.53
CA ASP B 17 -21.83 -27.15 -8.72
C ASP B 17 -21.16 -26.25 -9.74
N ALA B 18 -19.86 -26.05 -9.60
CA ALA B 18 -19.14 -25.17 -10.52
C ALA B 18 -19.36 -25.50 -11.99
N THR B 19 -19.63 -26.77 -12.29
CA THR B 19 -19.86 -27.17 -13.68
C THR B 19 -21.16 -26.58 -14.22
N ASP B 20 -22.06 -26.19 -13.32
CA ASP B 20 -23.33 -25.61 -13.73
C ASP B 20 -23.35 -24.09 -13.65
N LEU B 21 -22.22 -23.51 -13.29
CA LEU B 21 -22.11 -22.05 -13.21
C LEU B 21 -21.67 -21.54 -14.57
N GLU B 22 -21.98 -20.28 -14.84
CA GLU B 22 -21.61 -19.69 -16.12
C GLU B 22 -20.09 -19.63 -16.27
N LEU B 23 -19.59 -19.68 -17.51
CA LEU B 23 -18.16 -19.63 -17.77
C LEU B 23 -17.60 -18.25 -17.47
N GLU B 24 -18.44 -17.23 -17.63
CA GLU B 24 -18.03 -15.85 -17.36
C GLU B 24 -19.17 -15.12 -16.68
N GLY B 25 -18.96 -14.72 -15.43
CA GLY B 25 -20.00 -14.03 -14.69
C GLY B 25 -19.57 -12.70 -14.10
N SER B 26 -20.56 -11.89 -13.77
CA SER B 26 -20.34 -10.57 -13.20
C SER B 26 -21.12 -10.43 -11.90
N TYR B 27 -20.47 -9.96 -10.85
CA TYR B 27 -21.11 -9.78 -9.54
C TYR B 27 -20.58 -8.53 -8.86
N ASP B 28 -21.18 -8.16 -7.73
CA ASP B 28 -20.71 -7.01 -6.98
C ASP B 28 -19.54 -7.46 -6.10
N TYR B 29 -19.68 -8.65 -5.50
CA TYR B 29 -18.64 -9.21 -4.64
C TYR B 29 -18.43 -10.69 -4.92
N VAL B 30 -17.16 -11.09 -4.92
CA VAL B 30 -16.80 -12.49 -5.12
C VAL B 30 -16.00 -12.88 -3.89
N ILE B 31 -16.48 -13.90 -3.18
CA ILE B 31 -15.81 -14.37 -1.97
C ILE B 31 -15.18 -15.72 -2.23
N VAL B 32 -13.87 -15.81 -1.98
CA VAL B 32 -13.13 -17.04 -2.19
C VAL B 32 -13.08 -17.83 -0.88
N GLY B 33 -13.75 -18.98 -0.87
CA GLY B 33 -13.79 -19.82 0.30
C GLY B 33 -15.07 -19.66 1.08
N GLY B 34 -15.95 -20.66 1.02
CA GLY B 34 -17.21 -20.60 1.75
C GLY B 34 -17.02 -21.22 3.12
N GLY B 35 -16.13 -20.63 3.90
CA GLY B 35 -15.83 -21.17 5.21
C GLY B 35 -16.46 -20.45 6.39
N THR B 36 -15.79 -20.56 7.53
CA THR B 36 -16.25 -19.97 8.77
C THR B 36 -16.52 -18.47 8.65
N SER B 37 -15.55 -17.71 8.14
CA SER B 37 -15.74 -16.27 7.96
C SER B 37 -16.44 -15.98 6.64
N GLY B 38 -16.09 -16.75 5.62
CA GLY B 38 -16.67 -16.56 4.29
C GLY B 38 -18.18 -16.59 4.17
N CYS B 39 -18.83 -17.55 4.82
CA CYS B 39 -20.29 -17.65 4.73
C CYS B 39 -21.03 -16.45 5.32
N PRO B 40 -20.74 -16.07 6.57
CA PRO B 40 -21.45 -14.91 7.12
C PRO B 40 -21.14 -13.63 6.37
N LEU B 41 -19.92 -13.52 5.84
CA LEU B 41 -19.53 -12.34 5.07
C LEU B 41 -20.39 -12.28 3.81
N ALA B 42 -20.45 -13.39 3.09
CA ALA B 42 -21.24 -13.48 1.88
C ALA B 42 -22.71 -13.15 2.12
N ALA B 43 -23.29 -13.76 3.16
CA ALA B 43 -24.69 -13.53 3.49
C ALA B 43 -24.99 -12.06 3.77
N THR B 44 -24.10 -11.42 4.54
CA THR B 44 -24.26 -10.03 4.89
C THR B 44 -24.24 -9.13 3.66
N LEU B 45 -23.23 -9.29 2.82
CA LEU B 45 -23.11 -8.48 1.61
C LEU B 45 -24.31 -8.70 0.69
N SER B 46 -24.83 -9.93 0.66
CA SER B 46 -25.97 -10.25 -0.21
C SER B 46 -27.25 -9.52 0.19
N GLU B 47 -27.24 -8.88 1.35
CA GLU B 47 -28.42 -8.14 1.80
C GLU B 47 -28.73 -7.00 0.83
N LYS B 48 -27.69 -6.49 0.16
CA LYS B 48 -27.87 -5.40 -0.77
C LYS B 48 -27.25 -5.62 -2.14
N TYR B 49 -26.22 -6.48 -2.20
CA TYR B 49 -25.54 -6.71 -3.46
C TYR B 49 -25.50 -8.14 -3.97
N LYS B 50 -25.11 -8.28 -5.24
CA LYS B 50 -25.02 -9.58 -5.89
C LYS B 50 -23.69 -10.21 -5.49
N VAL B 51 -23.77 -11.34 -4.80
CA VAL B 51 -22.60 -12.03 -4.31
C VAL B 51 -22.43 -13.46 -4.82
N LEU B 52 -21.19 -13.83 -5.08
CA LEU B 52 -20.85 -15.18 -5.52
C LEU B 52 -19.82 -15.73 -4.55
N VAL B 53 -20.11 -16.90 -3.98
CA VAL B 53 -19.19 -17.55 -3.06
C VAL B 53 -18.67 -18.79 -3.77
N LEU B 54 -17.35 -18.94 -3.79
CA LEU B 54 -16.72 -20.08 -4.46
C LEU B 54 -16.01 -20.97 -3.44
N GLU B 55 -16.49 -22.21 -3.32
CA GLU B 55 -15.93 -23.17 -2.37
C GLU B 55 -15.40 -24.41 -3.09
N ARG B 56 -14.17 -24.79 -2.78
CA ARG B 56 -13.54 -25.94 -3.42
C ARG B 56 -14.15 -27.29 -3.02
N GLY B 57 -14.67 -27.37 -1.80
CA GLY B 57 -15.25 -28.61 -1.32
C GLY B 57 -16.70 -28.88 -1.70
N SER B 58 -17.24 -29.97 -1.18
CA SER B 58 -18.62 -30.38 -1.46
C SER B 58 -19.62 -29.77 -0.49
N LEU B 59 -20.90 -30.05 -0.72
CA LEU B 59 -21.96 -29.59 0.17
C LEU B 59 -21.87 -30.53 1.36
N PRO B 60 -22.29 -30.08 2.55
CA PRO B 60 -22.23 -30.93 3.74
C PRO B 60 -23.00 -32.24 3.55
N THR B 61 -24.08 -32.19 2.77
CA THR B 61 -24.90 -33.37 2.53
C THR B 61 -24.15 -34.51 1.86
N ALA B 62 -23.02 -34.22 1.22
CA ALA B 62 -22.23 -35.24 0.55
C ALA B 62 -21.51 -36.15 1.54
N TYR B 63 -21.36 -35.68 2.77
CA TYR B 63 -20.71 -36.45 3.83
C TYR B 63 -21.52 -36.31 5.12
N PRO B 64 -22.55 -37.15 5.28
CA PRO B 64 -23.47 -37.20 6.43
C PRO B 64 -22.85 -37.14 7.83
N ASN B 65 -21.66 -37.71 8.00
CA ASN B 65 -21.02 -37.73 9.31
C ASN B 65 -20.51 -36.38 9.82
N VAL B 66 -20.58 -35.35 8.98
CA VAL B 66 -20.15 -34.03 9.43
C VAL B 66 -21.35 -33.31 10.04
N LEU B 67 -22.51 -33.98 10.02
CA LEU B 67 -23.73 -33.37 10.55
C LEU B 67 -24.15 -33.78 11.96
N THR B 68 -23.33 -34.58 12.63
CA THR B 68 -23.64 -35.01 14.00
C THR B 68 -22.41 -34.98 14.88
N ALA B 69 -22.62 -34.87 16.19
CA ALA B 69 -21.53 -34.86 17.14
C ALA B 69 -20.80 -36.20 17.17
N ASP B 70 -21.51 -37.31 17.08
CA ASP B 70 -20.79 -38.58 17.12
C ASP B 70 -20.06 -38.90 15.82
N GLY B 71 -20.16 -38.00 14.85
CA GLY B 71 -19.47 -38.20 13.58
C GLY B 71 -18.13 -37.48 13.55
N PHE B 72 -17.84 -36.72 14.61
CA PHE B 72 -16.60 -35.96 14.72
C PHE B 72 -15.35 -36.78 14.45
N VAL B 73 -15.16 -37.86 15.21
CA VAL B 73 -13.99 -38.70 15.03
C VAL B 73 -13.99 -39.37 13.67
N TYR B 74 -15.15 -39.81 13.20
CA TYR B 74 -15.27 -40.47 11.92
C TYR B 74 -14.63 -39.66 10.79
N ASN B 75 -14.96 -38.37 10.71
CA ASN B 75 -14.43 -37.52 9.66
C ASN B 75 -12.90 -37.49 9.67
N LEU B 76 -12.31 -37.45 10.87
CA LEU B 76 -10.86 -37.42 11.00
C LEU B 76 -10.24 -38.76 10.60
N GLN B 77 -10.97 -39.85 10.81
CA GLN B 77 -10.46 -41.18 10.47
C GLN B 77 -10.52 -41.51 8.98
N GLN B 78 -11.43 -40.86 8.25
CA GLN B 78 -11.58 -41.14 6.83
C GLN B 78 -10.38 -40.80 5.97
N GLU B 79 -10.03 -41.73 5.09
CA GLU B 79 -8.89 -41.55 4.20
C GLU B 79 -9.10 -40.31 3.33
N ASP B 80 -8.02 -39.58 3.09
CA ASP B 80 -8.06 -38.36 2.29
C ASP B 80 -7.93 -38.69 0.82
N ASP B 81 -9.05 -38.64 0.09
CA ASP B 81 -9.03 -38.94 -1.33
C ASP B 81 -9.03 -37.68 -2.18
N GLY B 82 -8.76 -36.54 -1.55
CA GLY B 82 -8.73 -35.28 -2.27
C GLY B 82 -10.08 -34.59 -2.37
N LYS B 83 -11.14 -35.28 -1.95
CA LYS B 83 -12.48 -34.72 -2.03
C LYS B 83 -13.18 -34.68 -0.67
N THR B 84 -12.71 -35.48 0.27
CA THR B 84 -13.29 -35.55 1.61
C THR B 84 -13.23 -34.22 2.36
N PRO B 85 -14.17 -33.99 3.30
CA PRO B 85 -14.23 -32.75 4.09
C PRO B 85 -13.04 -32.48 5.00
N VAL B 86 -12.24 -33.50 5.26
CA VAL B 86 -11.07 -33.34 6.11
C VAL B 86 -9.79 -33.52 5.29
N GLU B 87 -9.08 -32.42 5.06
CA GLU B 87 -7.84 -32.47 4.30
C GLU B 87 -6.68 -32.62 5.28
N ARG B 88 -5.89 -33.66 5.09
CA ARG B 88 -4.75 -33.94 5.94
C ARG B 88 -3.48 -33.24 5.48
N PHE B 89 -2.67 -32.81 6.43
CA PHE B 89 -1.39 -32.21 6.12
C PHE B 89 -0.46 -32.40 7.31
N VAL B 90 0.84 -32.32 7.07
CA VAL B 90 1.82 -32.47 8.13
C VAL B 90 2.73 -31.26 8.09
N SER B 91 2.87 -30.57 9.21
CA SER B 91 3.74 -29.40 9.24
C SER B 91 5.19 -29.84 9.09
N GLU B 92 6.06 -28.90 8.76
CA GLU B 92 7.48 -29.19 8.59
C GLU B 92 8.09 -29.59 9.94
N ASP B 93 7.38 -29.31 11.02
CA ASP B 93 7.85 -29.67 12.36
C ASP B 93 7.64 -31.16 12.59
N GLY B 94 6.81 -31.77 11.74
CA GLY B 94 6.49 -33.19 11.84
C GLY B 94 5.21 -33.48 12.60
N ILE B 95 4.35 -32.48 12.75
CA ILE B 95 3.08 -32.64 13.47
C ILE B 95 1.88 -32.75 12.54
N ASP B 96 1.15 -33.85 12.65
CA ASP B 96 -0.03 -34.09 11.82
C ASP B 96 -1.11 -33.05 12.10
N ASN B 97 -1.84 -32.67 11.05
CA ASN B 97 -2.87 -31.66 11.19
C ASN B 97 -3.94 -31.81 10.10
N VAL B 98 -5.01 -31.04 10.21
CA VAL B 98 -6.08 -31.10 9.22
C VAL B 98 -6.75 -29.73 9.04
N ARG B 99 -7.40 -29.55 7.90
CA ARG B 99 -8.15 -28.33 7.62
C ARG B 99 -9.40 -28.72 6.86
N GLY B 100 -10.44 -27.91 6.98
CA GLY B 100 -11.68 -28.21 6.29
C GLY B 100 -11.64 -28.02 4.78
N ARG B 101 -12.48 -28.78 4.09
CA ARG B 101 -12.59 -28.72 2.63
C ARG B 101 -14.02 -29.10 2.32
N VAL B 102 -14.93 -28.19 2.62
CA VAL B 102 -16.36 -28.41 2.44
C VAL B 102 -17.06 -27.07 2.66
N LEU B 103 -18.29 -26.93 2.16
CA LEU B 103 -19.02 -25.69 2.36
C LEU B 103 -19.30 -25.57 3.85
N GLY B 104 -18.96 -24.43 4.43
CA GLY B 104 -19.12 -24.24 5.85
C GLY B 104 -17.72 -24.21 6.44
N GLY B 105 -16.76 -24.64 5.63
CA GLY B 105 -15.38 -24.65 6.06
C GLY B 105 -15.06 -25.58 7.22
N THR B 106 -14.08 -25.18 8.02
CA THR B 106 -13.66 -25.97 9.16
C THR B 106 -14.69 -26.00 10.30
N SER B 107 -15.68 -25.11 10.24
CA SER B 107 -16.70 -25.10 11.28
C SER B 107 -17.60 -26.33 11.10
N ILE B 108 -17.46 -26.99 9.95
CA ILE B 108 -18.25 -28.19 9.64
C ILE B 108 -17.60 -29.48 10.14
N ILE B 109 -16.32 -29.41 10.54
CA ILE B 109 -15.62 -30.59 11.02
C ILE B 109 -14.98 -30.41 12.40
N ASN B 110 -15.22 -29.27 13.04
CA ASN B 110 -14.60 -29.02 14.34
C ASN B 110 -15.27 -29.65 15.55
N ALA B 111 -14.75 -29.34 16.73
CA ALA B 111 -15.27 -29.90 17.98
C ALA B 111 -16.47 -29.15 18.58
N GLY B 112 -17.00 -28.19 17.82
CA GLY B 112 -18.18 -27.46 18.24
C GLY B 112 -18.12 -26.44 19.36
N VAL B 113 -17.00 -26.34 20.06
CA VAL B 113 -16.89 -25.38 21.17
C VAL B 113 -17.03 -23.94 20.69
N TYR B 114 -17.94 -23.19 21.32
CA TYR B 114 -18.16 -21.79 20.95
C TYR B 114 -17.86 -20.82 22.09
N ALA B 115 -17.05 -19.81 21.79
CA ALA B 115 -16.70 -18.80 22.78
C ALA B 115 -16.56 -17.43 22.10
N ARG B 116 -16.89 -16.38 22.83
CA ARG B 116 -16.72 -15.03 22.30
C ARG B 116 -15.28 -14.69 22.62
N ALA B 117 -14.68 -13.79 21.84
CA ALA B 117 -13.29 -13.42 22.08
C ALA B 117 -13.06 -12.66 23.39
N ASN B 118 -11.84 -12.78 23.88
CA ASN B 118 -11.39 -12.09 25.10
C ASN B 118 -11.71 -10.61 24.86
N THR B 119 -12.54 -10.01 25.70
CA THR B 119 -12.92 -8.62 25.50
C THR B 119 -11.77 -7.61 25.58
N SER B 120 -10.59 -8.07 26.01
CA SER B 120 -9.44 -7.18 26.12
C SER B 120 -8.48 -7.21 24.93
N ILE B 121 -8.75 -8.05 23.94
CA ILE B 121 -7.86 -8.16 22.79
C ILE B 121 -8.15 -7.22 21.62
N TYR B 122 -9.28 -6.53 21.66
CA TYR B 122 -9.65 -5.63 20.58
C TYR B 122 -8.79 -4.38 20.47
N SER B 123 -8.39 -3.82 21.60
CA SER B 123 -7.58 -2.61 21.60
C SER B 123 -6.18 -2.72 20.97
N ALA B 124 -5.51 -3.84 21.16
CA ALA B 124 -4.16 -4.00 20.61
C ALA B 124 -4.13 -4.76 19.28
N SER B 125 -5.28 -4.91 18.66
CA SER B 125 -5.38 -5.64 17.40
C SER B 125 -4.93 -4.95 16.11
N GLY B 126 -4.95 -3.62 16.10
CA GLY B 126 -4.56 -2.90 14.89
C GLY B 126 -5.81 -2.52 14.11
N VAL B 127 -6.95 -2.79 14.72
CA VAL B 127 -8.25 -2.49 14.16
C VAL B 127 -9.04 -1.70 15.20
N ASP B 128 -9.73 -0.66 14.77
CA ASP B 128 -10.54 0.15 15.68
C ASP B 128 -11.93 -0.47 15.61
N TRP B 129 -12.28 -1.26 16.61
CA TRP B 129 -13.56 -1.95 16.63
C TRP B 129 -14.78 -1.18 17.11
N ASP B 130 -15.89 -1.39 16.41
CA ASP B 130 -17.17 -0.80 16.75
C ASP B 130 -17.74 -1.90 17.64
N MET B 131 -17.54 -1.79 18.95
CA MET B 131 -18.00 -2.82 19.88
C MET B 131 -19.50 -3.07 19.90
N ASP B 132 -20.30 -2.06 19.61
CA ASP B 132 -21.74 -2.28 19.57
C ASP B 132 -22.02 -3.21 18.40
N LEU B 133 -21.33 -2.99 17.29
CA LEU B 133 -21.52 -3.83 16.11
C LEU B 133 -21.00 -5.24 16.39
N VAL B 134 -19.85 -5.33 17.07
CA VAL B 134 -19.27 -6.61 17.40
C VAL B 134 -20.27 -7.49 18.15
N ASN B 135 -20.85 -6.95 19.22
CA ASN B 135 -21.83 -7.71 19.99
C ASN B 135 -23.11 -8.02 19.22
N GLN B 136 -23.56 -7.06 18.41
CA GLN B 136 -24.76 -7.28 17.61
C GLN B 136 -24.50 -8.46 16.69
N THR B 137 -23.27 -8.53 16.18
CA THR B 137 -22.88 -9.60 15.27
C THR B 137 -22.80 -10.94 16.00
N TYR B 138 -22.22 -10.95 17.20
CA TYR B 138 -22.15 -12.19 17.96
C TYR B 138 -23.58 -12.72 18.16
N GLU B 139 -24.50 -11.83 18.51
CA GLU B 139 -25.90 -12.21 18.72
C GLU B 139 -26.53 -12.79 17.46
N TRP B 140 -26.24 -12.17 16.32
CA TRP B 140 -26.74 -12.61 15.03
C TRP B 140 -26.31 -14.04 14.77
N VAL B 141 -25.05 -14.35 15.05
CA VAL B 141 -24.52 -15.70 14.85
C VAL B 141 -25.10 -16.68 15.86
N GLU B 142 -25.06 -16.29 17.14
CA GLU B 142 -25.56 -17.13 18.22
C GLU B 142 -27.02 -17.50 18.11
N ASP B 143 -27.86 -16.56 17.68
CA ASP B 143 -29.28 -16.85 17.54
C ASP B 143 -29.56 -17.84 16.41
N THR B 144 -28.54 -18.13 15.61
CA THR B 144 -28.70 -19.04 14.49
C THR B 144 -28.06 -20.42 14.65
N ILE B 145 -26.85 -20.48 15.20
CA ILE B 145 -26.17 -21.76 15.35
C ILE B 145 -25.48 -22.07 16.68
N VAL B 146 -25.77 -21.34 17.74
CA VAL B 146 -25.12 -21.62 19.03
C VAL B 146 -26.15 -22.04 20.08
N TYR B 147 -25.83 -23.09 20.82
CA TYR B 147 -26.74 -23.63 21.82
C TYR B 147 -26.17 -23.82 23.21
N LYS B 148 -27.04 -23.70 24.21
CA LYS B 148 -26.67 -23.93 25.60
C LYS B 148 -26.74 -25.45 25.66
N PRO B 149 -25.62 -26.10 25.99
CA PRO B 149 -25.56 -27.57 26.05
C PRO B 149 -26.32 -28.31 27.14
N ASN B 150 -26.56 -29.59 26.90
CA ASN B 150 -27.23 -30.46 27.86
C ASN B 150 -26.18 -30.70 28.93
N SER B 151 -26.61 -31.08 30.13
CA SER B 151 -25.66 -31.38 31.18
C SER B 151 -25.10 -32.75 30.77
N GLN B 152 -23.81 -32.95 30.99
CA GLN B 152 -23.16 -34.22 30.64
C GLN B 152 -22.29 -34.65 31.82
N SER B 153 -22.46 -35.89 32.25
CA SER B 153 -21.71 -36.41 33.39
C SER B 153 -20.20 -36.16 33.35
N TRP B 154 -19.53 -36.59 32.28
CA TRP B 154 -18.09 -36.38 32.24
C TRP B 154 -17.68 -34.91 32.26
N GLN B 155 -18.44 -34.05 31.58
CA GLN B 155 -18.11 -32.64 31.60
C GLN B 155 -18.28 -32.10 33.02
N SER B 156 -19.30 -32.59 33.73
CA SER B 156 -19.55 -32.15 35.10
C SER B 156 -18.40 -32.61 36.00
N VAL B 157 -17.90 -33.82 35.75
CA VAL B 157 -16.79 -34.34 36.53
C VAL B 157 -15.59 -33.44 36.30
N THR B 158 -15.38 -33.06 35.04
CA THR B 158 -14.27 -32.19 34.68
C THR B 158 -14.42 -30.84 35.36
N LYS B 159 -15.64 -30.32 35.42
CA LYS B 159 -15.88 -29.04 36.07
C LYS B 159 -15.50 -29.12 37.55
N THR B 160 -15.86 -30.22 38.21
CA THR B 160 -15.50 -30.35 39.63
C THR B 160 -13.99 -30.41 39.78
N ALA B 161 -13.31 -31.07 38.85
CA ALA B 161 -11.85 -31.19 38.90
C ALA B 161 -11.19 -29.81 38.75
N PHE B 162 -11.65 -29.04 37.78
CA PHE B 162 -11.12 -27.69 37.55
C PHE B 162 -11.30 -26.81 38.79
N LEU B 163 -12.49 -26.83 39.38
CA LEU B 163 -12.76 -26.02 40.56
C LEU B 163 -11.94 -26.49 41.75
N GLU B 164 -11.74 -27.80 41.86
CA GLU B 164 -10.95 -28.33 42.95
C GLU B 164 -9.49 -27.92 42.77
N ALA B 165 -9.05 -27.82 41.51
CA ALA B 165 -7.68 -27.44 41.18
C ALA B 165 -7.41 -25.93 41.11
N GLY B 166 -8.31 -25.13 41.66
CA GLY B 166 -8.09 -23.69 41.68
C GLY B 166 -8.30 -22.88 40.41
N VAL B 167 -8.98 -23.44 39.41
CA VAL B 167 -9.24 -22.68 38.19
C VAL B 167 -10.49 -21.86 38.51
N HIS B 168 -10.26 -20.71 39.14
CA HIS B 168 -11.32 -19.83 39.60
C HIS B 168 -11.36 -18.48 38.90
N PRO B 169 -12.52 -17.79 38.97
CA PRO B 169 -13.74 -18.24 39.66
C PRO B 169 -14.60 -19.14 38.78
N ASN B 170 -15.80 -19.45 39.25
CA ASN B 170 -16.75 -20.25 38.50
C ASN B 170 -17.69 -19.24 37.82
N HIS B 171 -17.93 -19.40 36.53
CA HIS B 171 -18.79 -18.49 35.78
C HIS B 171 -20.14 -19.09 35.41
N GLY B 172 -20.40 -20.31 35.87
CA GLY B 172 -21.67 -20.97 35.55
C GLY B 172 -21.69 -21.14 34.04
N PHE B 173 -22.82 -20.82 33.41
CA PHE B 173 -22.90 -20.91 31.95
C PHE B 173 -22.61 -19.52 31.39
N SER B 174 -21.60 -19.43 30.54
CA SER B 174 -21.23 -18.15 29.95
C SER B 174 -20.45 -18.36 28.66
N LEU B 175 -20.70 -17.50 27.68
CA LEU B 175 -20.03 -17.59 26.39
C LEU B 175 -18.69 -16.86 26.36
N ASP B 176 -18.46 -16.01 27.35
CA ASP B 176 -17.25 -15.20 27.39
C ASP B 176 -15.95 -15.85 27.85
N HIS B 177 -14.89 -15.56 27.12
CA HIS B 177 -13.56 -16.08 27.45
C HIS B 177 -13.03 -15.29 28.64
N GLU B 178 -13.12 -15.88 29.82
CA GLU B 178 -12.64 -15.24 31.04
C GLU B 178 -11.89 -16.26 31.89
N GLU B 179 -10.92 -15.79 32.65
CA GLU B 179 -10.16 -16.66 33.53
C GLU B 179 -11.12 -17.35 34.49
N GLY B 180 -10.95 -18.66 34.66
CA GLY B 180 -11.81 -19.41 35.55
C GLY B 180 -12.46 -20.58 34.84
N THR B 181 -13.42 -21.21 35.51
CA THR B 181 -14.12 -22.36 34.95
C THR B 181 -15.52 -22.00 34.56
N ARG B 182 -16.00 -22.56 33.45
CA ARG B 182 -17.35 -22.30 32.99
C ARG B 182 -17.82 -23.34 31.99
N ILE B 183 -19.12 -23.33 31.73
CA ILE B 183 -19.73 -24.20 30.73
C ILE B 183 -20.00 -23.17 29.62
N THR B 184 -19.48 -23.41 28.43
CA THR B 184 -19.68 -22.48 27.33
C THR B 184 -20.68 -23.02 26.30
N GLY B 185 -20.93 -22.25 25.25
CA GLY B 185 -21.87 -22.70 24.22
C GLY B 185 -21.25 -23.67 23.23
N SER B 186 -22.09 -24.28 22.40
CA SER B 186 -21.64 -25.23 21.40
C SER B 186 -22.42 -25.08 20.11
N THR B 187 -21.80 -25.44 18.98
CA THR B 187 -22.49 -25.37 17.70
C THR B 187 -23.20 -26.70 17.43
N PHE B 188 -23.11 -27.61 18.40
CA PHE B 188 -23.81 -28.89 18.32
C PHE B 188 -25.05 -28.63 19.17
N ASP B 189 -26.24 -28.94 18.67
CA ASP B 189 -27.42 -28.71 19.49
C ASP B 189 -27.68 -29.85 20.47
N ASN B 190 -28.74 -29.73 21.24
CA ASN B 190 -29.06 -30.71 22.27
C ASN B 190 -29.45 -32.12 21.80
N LYS B 191 -29.60 -32.31 20.49
CA LYS B 191 -29.91 -33.62 19.95
C LYS B 191 -28.67 -34.16 19.26
N GLY B 192 -27.60 -33.38 19.29
CA GLY B 192 -26.34 -33.79 18.68
C GLY B 192 -26.17 -33.35 17.25
N THR B 193 -27.15 -32.62 16.72
CA THR B 193 -27.06 -32.14 15.35
C THR B 193 -26.04 -31.02 15.25
N ARG B 194 -25.14 -31.10 14.27
CA ARG B 194 -24.16 -30.05 14.08
C ARG B 194 -24.72 -28.92 13.27
N HIS B 195 -24.45 -27.70 13.74
CA HIS B 195 -24.87 -26.50 13.04
C HIS B 195 -23.56 -25.80 12.73
N ALA B 196 -23.49 -25.10 11.60
CA ALA B 196 -22.24 -24.46 11.21
C ALA B 196 -22.39 -23.20 10.37
N ALA B 197 -21.26 -22.68 9.90
CA ALA B 197 -21.24 -21.47 9.11
C ALA B 197 -22.09 -21.52 7.84
N ASP B 198 -22.25 -22.70 7.25
CA ASP B 198 -23.05 -22.81 6.04
C ASP B 198 -24.48 -22.35 6.29
N GLU B 199 -24.98 -22.56 7.50
CA GLU B 199 -26.33 -22.15 7.82
C GLU B 199 -26.50 -20.63 7.89
N LEU B 200 -25.39 -19.92 8.06
CA LEU B 200 -25.47 -18.46 8.11
C LEU B 200 -25.79 -17.92 6.71
N LEU B 201 -25.65 -18.77 5.70
CA LEU B 201 -25.97 -18.38 4.32
C LEU B 201 -27.48 -18.14 4.21
N ASN B 202 -28.24 -18.78 5.10
CA ASN B 202 -29.70 -18.63 5.12
C ASN B 202 -30.12 -17.24 5.56
N LYS B 203 -29.18 -16.49 6.14
CA LYS B 203 -29.46 -15.13 6.61
C LYS B 203 -29.31 -14.14 5.47
N GLY B 204 -28.75 -14.60 4.36
CA GLY B 204 -28.56 -13.74 3.21
C GLY B 204 -29.81 -13.65 2.36
N ASN B 205 -29.75 -12.91 1.27
CA ASN B 205 -30.89 -12.77 0.37
C ASN B 205 -30.79 -13.84 -0.70
N SER B 206 -31.77 -14.74 -0.74
CA SER B 206 -31.76 -15.83 -1.70
C SER B 206 -31.82 -15.41 -3.16
N ASN B 207 -32.11 -14.13 -3.42
CA ASN B 207 -32.18 -13.65 -4.79
C ASN B 207 -30.90 -12.91 -5.19
N ASN B 208 -30.01 -12.66 -4.23
CA ASN B 208 -28.77 -11.97 -4.50
C ASN B 208 -27.53 -12.82 -4.25
N LEU B 209 -27.70 -13.91 -3.50
CA LEU B 209 -26.57 -14.78 -3.17
C LEU B 209 -26.55 -16.08 -3.97
N ARG B 210 -25.37 -16.40 -4.51
CA ARG B 210 -25.16 -17.63 -5.27
C ARG B 210 -23.91 -18.29 -4.69
N VAL B 211 -24.01 -19.59 -4.46
CA VAL B 211 -22.92 -20.38 -3.90
C VAL B 211 -22.46 -21.44 -4.88
N GLY B 212 -21.16 -21.49 -5.14
CA GLY B 212 -20.63 -22.50 -6.03
C GLY B 212 -19.75 -23.46 -5.28
N VAL B 213 -20.03 -24.76 -5.40
CA VAL B 213 -19.22 -25.77 -4.72
C VAL B 213 -18.39 -26.50 -5.76
N HIS B 214 -17.35 -27.21 -5.32
CA HIS B 214 -16.47 -27.91 -6.24
C HIS B 214 -15.86 -26.89 -7.18
N ALA B 215 -15.59 -25.71 -6.63
CA ALA B 215 -15.00 -24.60 -7.38
C ALA B 215 -13.63 -24.28 -6.79
N SER B 216 -12.57 -24.63 -7.53
CA SER B 216 -11.21 -24.39 -7.09
C SER B 216 -10.69 -23.06 -7.62
N VAL B 217 -10.59 -22.06 -6.75
CA VAL B 217 -10.09 -20.75 -7.17
C VAL B 217 -8.58 -20.83 -7.27
N GLU B 218 -8.07 -20.58 -8.47
CA GLU B 218 -6.63 -20.67 -8.73
C GLU B 218 -5.87 -19.36 -8.83
N LYS B 219 -6.54 -18.28 -9.18
CA LYS B 219 -5.86 -17.01 -9.34
C LYS B 219 -6.76 -15.81 -9.23
N ILE B 220 -6.22 -14.75 -8.64
CA ILE B 220 -6.94 -13.48 -8.53
C ILE B 220 -6.44 -12.69 -9.74
N ILE B 221 -7.36 -12.08 -10.47
CA ILE B 221 -6.99 -11.31 -11.66
C ILE B 221 -6.83 -9.83 -11.31
N PHE B 222 -5.80 -9.18 -11.85
CA PHE B 222 -5.56 -7.76 -11.57
C PHE B 222 -5.45 -6.89 -12.81
N SER B 223 -5.65 -5.59 -12.62
CA SER B 223 -5.55 -4.60 -13.69
C SER B 223 -4.08 -4.27 -13.84
N ASN B 224 -3.74 -3.53 -14.90
CA ASN B 224 -2.36 -3.13 -15.14
C ASN B 224 -1.92 -2.13 -14.08
N ALA B 225 -0.61 -2.07 -13.84
CA ALA B 225 -0.08 -1.10 -12.88
C ALA B 225 0.02 0.22 -13.64
N PRO B 226 0.00 1.36 -12.93
CA PRO B 226 -0.11 1.51 -11.47
C PRO B 226 -1.58 1.50 -11.03
N GLY B 227 -1.84 1.73 -9.75
CA GLY B 227 -3.21 1.72 -9.28
C GLY B 227 -3.80 0.33 -9.43
N LEU B 228 -3.06 -0.68 -8.99
CA LEU B 228 -3.51 -2.06 -9.07
C LEU B 228 -4.88 -2.27 -8.44
N THR B 229 -5.72 -3.05 -9.13
CA THR B 229 -7.06 -3.36 -8.65
C THR B 229 -7.46 -4.78 -9.01
N ALA B 230 -8.05 -5.50 -8.06
CA ALA B 230 -8.51 -6.87 -8.30
C ALA B 230 -9.77 -6.77 -9.14
N THR B 231 -9.82 -7.49 -10.25
CA THR B 231 -10.98 -7.44 -11.14
C THR B 231 -11.85 -8.70 -11.11
N GLY B 232 -11.33 -9.77 -10.52
CA GLY B 232 -12.10 -11.01 -10.45
C GLY B 232 -11.18 -12.18 -10.14
N VAL B 233 -11.67 -13.39 -10.36
CA VAL B 233 -10.87 -14.58 -10.09
C VAL B 233 -11.13 -15.65 -11.15
N ILE B 234 -10.21 -16.61 -11.21
CA ILE B 234 -10.33 -17.74 -12.13
C ILE B 234 -10.53 -18.98 -11.28
N TYR B 235 -11.56 -19.77 -11.57
CA TYR B 235 -11.79 -20.99 -10.81
C TYR B 235 -12.03 -22.15 -11.77
N ARG B 236 -11.72 -23.37 -11.33
CA ARG B 236 -11.87 -24.54 -12.18
C ARG B 236 -12.85 -25.54 -11.59
N ASP B 237 -13.67 -26.16 -12.45
CA ASP B 237 -14.66 -27.12 -11.98
C ASP B 237 -14.13 -28.56 -12.08
N SER B 238 -14.97 -29.51 -11.68
CA SER B 238 -14.59 -30.93 -11.69
C SER B 238 -14.25 -31.50 -13.06
N ASN B 239 -14.64 -30.82 -14.13
CA ASN B 239 -14.34 -31.29 -15.47
C ASN B 239 -13.01 -30.73 -15.96
N GLY B 240 -12.44 -29.83 -15.17
CA GLY B 240 -11.17 -29.22 -15.55
C GLY B 240 -11.36 -27.96 -16.36
N THR B 241 -12.61 -27.54 -16.48
CA THR B 241 -12.95 -26.33 -17.24
C THR B 241 -12.84 -25.08 -16.36
N PRO B 242 -12.09 -24.06 -16.85
CA PRO B 242 -11.94 -22.82 -16.08
C PRO B 242 -13.08 -21.84 -16.30
N HIS B 243 -13.45 -21.14 -15.24
CA HIS B 243 -14.52 -20.14 -15.29
C HIS B 243 -13.91 -18.85 -14.77
N GLN B 244 -14.60 -17.74 -15.01
CA GLN B 244 -14.14 -16.45 -14.54
C GLN B 244 -15.32 -15.71 -13.93
N ALA B 245 -15.09 -15.09 -12.78
CA ALA B 245 -16.11 -14.31 -12.10
C ALA B 245 -15.50 -12.93 -11.87
N PHE B 246 -16.13 -11.91 -12.43
CA PHE B 246 -15.62 -10.55 -12.28
C PHE B 246 -16.48 -9.72 -11.35
N VAL B 247 -15.88 -8.67 -10.78
CA VAL B 247 -16.60 -7.77 -9.89
C VAL B 247 -16.86 -6.46 -10.61
N ARG B 248 -18.00 -5.85 -10.35
CA ARG B 248 -18.36 -4.60 -11.00
C ARG B 248 -17.85 -3.38 -10.22
N SER B 249 -18.11 -2.19 -10.76
CA SER B 249 -17.68 -0.94 -10.14
C SER B 249 -17.96 -0.91 -8.65
N LYS B 250 -16.96 -0.47 -7.88
CA LYS B 250 -17.04 -0.39 -6.42
C LYS B 250 -17.08 -1.74 -5.74
N GLY B 251 -17.15 -2.81 -6.52
CA GLY B 251 -17.19 -4.15 -5.96
C GLY B 251 -15.82 -4.62 -5.53
N GLU B 252 -15.76 -5.76 -4.85
CA GLU B 252 -14.47 -6.26 -4.38
C GLU B 252 -14.38 -7.78 -4.35
N VAL B 253 -13.15 -8.26 -4.38
CA VAL B 253 -12.87 -9.69 -4.27
C VAL B 253 -12.40 -9.81 -2.83
N ILE B 254 -12.96 -10.76 -2.09
CA ILE B 254 -12.55 -10.96 -0.71
C ILE B 254 -12.11 -12.40 -0.55
N VAL B 255 -10.90 -12.59 -0.05
CA VAL B 255 -10.35 -13.91 0.14
C VAL B 255 -10.58 -14.35 1.59
N SER B 256 -11.28 -15.48 1.73
CA SER B 256 -11.60 -16.06 3.04
C SER B 256 -11.27 -17.54 2.95
N ALA B 257 -10.16 -17.83 2.28
CA ALA B 257 -9.73 -19.21 2.06
C ALA B 257 -8.99 -19.87 3.22
N GLY B 258 -8.93 -19.16 4.35
CA GLY B 258 -8.28 -19.69 5.54
C GLY B 258 -6.80 -19.41 5.71
N THR B 259 -6.29 -19.73 6.89
CA THR B 259 -4.89 -19.52 7.24
C THR B 259 -3.95 -20.15 6.21
N ILE B 260 -4.33 -21.32 5.69
CA ILE B 260 -3.52 -21.99 4.70
C ILE B 260 -3.88 -21.56 3.27
N GLY B 261 -5.16 -21.51 2.97
CA GLY B 261 -5.60 -21.15 1.63
C GLY B 261 -5.39 -19.72 1.14
N THR B 262 -5.57 -18.74 2.03
CA THR B 262 -5.42 -17.35 1.62
C THR B 262 -3.99 -16.98 1.20
N PRO B 263 -2.98 -17.25 2.05
CA PRO B 263 -1.62 -16.89 1.65
C PRO B 263 -1.23 -17.62 0.36
N GLN B 264 -1.66 -18.88 0.25
CA GLN B 264 -1.36 -19.67 -0.94
C GLN B 264 -1.89 -19.00 -2.20
N LEU B 265 -3.17 -18.60 -2.18
CA LEU B 265 -3.78 -17.97 -3.35
C LEU B 265 -3.11 -16.63 -3.69
N LEU B 266 -2.75 -15.86 -2.66
CA LEU B 266 -2.10 -14.58 -2.90
C LEU B 266 -0.75 -14.79 -3.59
N LEU B 267 0.03 -15.74 -3.10
CA LEU B 267 1.33 -16.03 -3.70
C LEU B 267 1.16 -16.46 -5.16
N LEU B 268 0.25 -17.40 -5.39
CA LEU B 268 0.00 -17.89 -6.74
C LEU B 268 -0.47 -16.79 -7.67
N SER B 269 -1.01 -15.72 -7.09
CA SER B 269 -1.52 -14.59 -7.88
C SER B 269 -0.52 -13.46 -8.07
N GLY B 270 0.71 -13.66 -7.59
CA GLY B 270 1.72 -12.63 -7.76
C GLY B 270 1.82 -11.61 -6.64
N VAL B 271 1.18 -11.88 -5.51
CA VAL B 271 1.25 -10.95 -4.38
C VAL B 271 2.03 -11.62 -3.26
N GLY B 272 3.30 -11.22 -3.12
CA GLY B 272 4.16 -11.80 -2.10
C GLY B 272 5.58 -11.29 -2.25
N PRO B 273 6.55 -11.84 -1.51
CA PRO B 273 7.96 -11.41 -1.59
C PRO B 273 8.48 -11.48 -3.02
N GLU B 274 9.00 -10.36 -3.50
CA GLU B 274 9.51 -10.27 -4.86
C GLU B 274 10.52 -11.35 -5.23
N SER B 275 11.55 -11.52 -4.41
CA SER B 275 12.56 -12.52 -4.72
C SER B 275 12.04 -13.95 -4.65
N TYR B 276 11.08 -14.20 -3.77
CA TYR B 276 10.51 -15.54 -3.64
C TYR B 276 9.72 -15.86 -4.91
N LEU B 277 8.80 -14.98 -5.27
CA LEU B 277 7.98 -15.17 -6.46
C LEU B 277 8.81 -15.31 -7.72
N SER B 278 9.77 -14.42 -7.91
CA SER B 278 10.60 -14.51 -9.10
C SER B 278 11.44 -15.79 -9.14
N SER B 279 11.82 -16.32 -7.98
CA SER B 279 12.63 -17.55 -7.96
C SER B 279 11.82 -18.69 -8.55
N LEU B 280 10.50 -18.56 -8.49
CA LEU B 280 9.61 -19.59 -9.02
C LEU B 280 9.00 -19.20 -10.36
N ASN B 281 9.41 -18.05 -10.88
CA ASN B 281 8.92 -17.52 -12.15
C ASN B 281 7.45 -17.11 -12.11
N ILE B 282 6.96 -16.76 -10.93
CA ILE B 282 5.58 -16.31 -10.78
C ILE B 282 5.64 -14.79 -10.97
N PRO B 283 4.92 -14.26 -11.97
CA PRO B 283 4.95 -12.81 -12.19
C PRO B 283 4.56 -12.04 -10.94
N VAL B 284 5.34 -11.01 -10.62
CA VAL B 284 5.09 -10.20 -9.44
C VAL B 284 4.12 -9.06 -9.72
N VAL B 285 2.98 -9.06 -9.05
CA VAL B 285 1.98 -8.01 -9.21
C VAL B 285 2.37 -6.87 -8.27
N LEU B 286 2.69 -7.24 -7.03
CA LEU B 286 3.12 -6.27 -6.04
C LEU B 286 3.96 -6.99 -4.98
N SER B 287 5.16 -6.49 -4.74
CA SER B 287 6.04 -7.10 -3.75
C SER B 287 5.41 -6.86 -2.37
N HIS B 288 5.05 -7.96 -1.72
CA HIS B 288 4.40 -7.94 -0.40
C HIS B 288 5.19 -8.90 0.48
N PRO B 289 6.20 -8.39 1.19
CA PRO B 289 7.08 -9.16 2.08
C PRO B 289 6.47 -10.12 3.08
N TYR B 290 5.31 -9.77 3.64
CA TYR B 290 4.73 -10.61 4.67
C TYR B 290 3.63 -11.61 4.34
N VAL B 291 3.35 -11.80 3.05
CA VAL B 291 2.34 -12.78 2.67
C VAL B 291 2.93 -14.15 3.00
N GLY B 292 2.23 -14.93 3.82
CA GLY B 292 2.72 -16.24 4.19
C GLY B 292 3.65 -16.22 5.40
N GLN B 293 3.84 -15.05 5.99
CA GLN B 293 4.70 -14.92 7.15
C GLN B 293 3.86 -14.83 8.42
N PHE B 294 4.46 -15.17 9.55
CA PHE B 294 3.80 -15.14 10.85
C PHE B 294 2.65 -16.13 10.95
N LEU B 295 2.95 -17.40 10.70
CA LEU B 295 1.98 -18.49 10.80
C LEU B 295 2.11 -19.01 12.23
N HIS B 296 1.03 -18.97 13.00
CA HIS B 296 1.05 -19.42 14.40
C HIS B 296 0.15 -20.62 14.66
N ASP B 297 0.63 -21.58 15.44
CA ASP B 297 -0.21 -22.73 15.80
C ASP B 297 -0.04 -23.04 17.28
N ASN B 298 -1.09 -22.78 18.06
CA ASN B 298 -1.02 -23.03 19.50
C ASN B 298 -0.78 -24.50 19.75
N PRO B 299 0.24 -24.82 20.55
CA PRO B 299 0.50 -26.23 20.82
C PRO B 299 -0.50 -26.86 21.79
N ARG B 300 -0.78 -28.13 21.56
CA ARG B 300 -1.68 -28.88 22.43
C ARG B 300 -0.87 -29.98 23.11
N ASN B 301 -0.97 -30.05 24.43
CA ASN B 301 -0.29 -31.10 25.18
C ASN B 301 -1.41 -31.75 25.97
N PHE B 302 -1.28 -33.03 26.26
CA PHE B 302 -2.38 -33.74 26.90
C PHE B 302 -2.02 -34.98 27.68
N ILE B 303 -3.04 -35.53 28.34
CA ILE B 303 -2.92 -36.77 29.09
C ILE B 303 -4.21 -37.56 28.82
N ASN B 304 -4.05 -38.80 28.40
CA ASN B 304 -5.17 -39.69 28.11
C ASN B 304 -5.30 -40.70 29.24
N ILE B 305 -6.48 -40.79 29.84
CA ILE B 305 -6.69 -41.77 30.90
C ILE B 305 -7.76 -42.77 30.46
N LEU B 306 -7.56 -44.03 30.85
CA LEU B 306 -8.49 -45.10 30.54
C LEU B 306 -9.10 -45.57 31.87
N PRO B 307 -10.31 -45.07 32.19
CA PRO B 307 -11.00 -45.42 33.44
C PRO B 307 -11.31 -46.92 33.53
N PRO B 308 -11.37 -47.45 34.76
CA PRO B 308 -11.66 -48.87 34.98
C PRO B 308 -13.12 -49.19 34.64
N ASN B 309 -13.97 -48.17 34.72
CA ASN B 309 -15.38 -48.30 34.40
C ASN B 309 -15.67 -47.39 33.22
N PRO B 310 -16.58 -47.81 32.34
CA PRO B 310 -16.94 -47.00 31.16
C PRO B 310 -17.43 -45.59 31.47
N ILE B 311 -17.02 -44.63 30.64
CA ILE B 311 -17.49 -43.26 30.76
C ILE B 311 -18.16 -43.00 29.43
N GLU B 312 -19.15 -42.12 29.42
CA GLU B 312 -19.86 -41.84 28.19
C GLU B 312 -19.20 -40.77 27.34
N PRO B 313 -19.30 -40.88 26.01
CA PRO B 313 -18.71 -39.89 25.12
C PRO B 313 -19.45 -38.56 25.33
N THR B 314 -18.75 -37.45 25.22
CA THR B 314 -19.38 -36.16 25.42
C THR B 314 -18.82 -35.12 24.45
N ILE B 315 -19.53 -34.01 24.30
CA ILE B 315 -19.03 -32.93 23.47
C ILE B 315 -18.40 -31.99 24.51
N VAL B 316 -17.29 -31.35 24.17
CA VAL B 316 -16.63 -30.45 25.09
C VAL B 316 -17.47 -29.21 25.36
N THR B 317 -17.70 -28.93 26.64
CA THR B 317 -18.48 -27.75 27.03
C THR B 317 -17.86 -27.03 28.22
N VAL B 318 -17.14 -27.76 29.06
CA VAL B 318 -16.51 -27.19 30.24
C VAL B 318 -15.08 -26.74 29.94
N LEU B 319 -14.83 -25.45 30.17
CA LEU B 319 -13.51 -24.89 29.93
C LEU B 319 -12.86 -24.37 31.20
N GLY B 320 -11.57 -24.67 31.34
CA GLY B 320 -10.79 -24.22 32.49
C GLY B 320 -9.79 -23.23 31.92
N ILE B 321 -10.08 -21.95 32.07
CA ILE B 321 -9.25 -20.90 31.51
C ILE B 321 -8.27 -20.21 32.45
N SER B 322 -6.99 -20.23 32.07
CA SER B 322 -5.95 -19.55 32.83
C SER B 322 -5.41 -18.49 31.87
N ASN B 323 -4.63 -17.55 32.37
CA ASN B 323 -4.12 -16.49 31.51
C ASN B 323 -3.16 -16.98 30.44
N ASP B 324 -2.34 -17.98 30.78
CA ASP B 324 -1.35 -18.49 29.85
C ASP B 324 -1.67 -19.79 29.13
N PHE B 325 -2.76 -20.45 29.51
CA PHE B 325 -3.14 -21.71 28.88
C PHE B 325 -4.63 -21.99 29.10
N TYR B 326 -5.23 -22.70 28.16
CA TYR B 326 -6.66 -23.02 28.21
C TYR B 326 -6.83 -24.53 28.21
N GLN B 327 -7.73 -25.03 29.05
CA GLN B 327 -7.89 -26.48 29.16
C GLN B 327 -9.32 -27.01 29.12
N CYS B 328 -9.43 -28.31 28.81
CA CYS B 328 -10.73 -28.97 28.73
C CYS B 328 -10.52 -30.48 28.72
N SER B 329 -11.61 -31.22 28.68
CA SER B 329 -11.52 -32.68 28.64
C SER B 329 -12.57 -33.24 27.71
N PHE B 330 -12.12 -34.11 26.81
CA PHE B 330 -12.96 -34.76 25.83
C PHE B 330 -13.04 -36.25 26.15
N SER B 331 -14.25 -36.79 26.28
CA SER B 331 -14.41 -38.22 26.54
C SER B 331 -14.92 -38.85 25.26
N SER B 332 -14.41 -40.03 24.93
CA SER B 332 -14.79 -40.68 23.68
C SER B 332 -14.78 -42.20 23.71
N LEU B 333 -15.40 -42.78 22.70
CA LEU B 333 -15.42 -44.23 22.55
C LEU B 333 -14.03 -44.57 22.03
N PRO B 334 -13.61 -45.84 22.15
CA PRO B 334 -12.27 -46.21 21.67
C PRO B 334 -12.12 -45.94 20.17
N PHE B 335 -10.87 -45.80 19.73
CA PHE B 335 -10.57 -45.56 18.32
C PHE B 335 -10.21 -46.88 17.63
N THR B 336 -10.96 -47.22 16.58
CA THR B 336 -10.68 -48.45 15.84
C THR B 336 -9.53 -48.20 14.87
N THR B 337 -9.55 -47.01 14.27
CA THR B 337 -8.51 -46.58 13.35
C THR B 337 -8.11 -45.19 13.84
N PRO B 338 -6.93 -44.70 13.47
CA PRO B 338 -6.50 -43.36 13.93
C PRO B 338 -7.21 -42.16 13.35
N PRO B 339 -7.69 -41.25 14.21
CA PRO B 339 -8.36 -40.05 13.69
C PRO B 339 -7.18 -39.14 13.39
N PHE B 340 -6.89 -38.91 12.12
CA PHE B 340 -5.74 -38.09 11.75
C PHE B 340 -5.73 -36.71 12.41
N GLY B 341 -4.60 -36.38 13.02
CA GLY B 341 -4.47 -35.08 13.67
C GLY B 341 -4.77 -35.11 15.16
N PHE B 342 -5.53 -36.11 15.63
CA PHE B 342 -5.86 -36.18 17.04
C PHE B 342 -4.57 -36.38 17.82
N PHE B 343 -3.79 -37.38 17.41
CA PHE B 343 -2.51 -37.65 18.01
C PHE B 343 -1.53 -37.09 16.96
N PRO B 344 -0.35 -36.61 17.40
CA PRO B 344 0.64 -36.03 16.49
C PRO B 344 1.28 -36.87 15.38
N SER B 345 1.27 -38.19 15.56
CA SER B 345 1.84 -39.12 14.59
C SER B 345 0.91 -40.30 14.37
N SER B 346 1.05 -40.97 13.24
CA SER B 346 0.20 -42.11 12.93
C SER B 346 0.57 -43.40 13.69
N SER B 347 1.74 -43.41 14.33
CA SER B 347 2.18 -44.60 15.06
C SER B 347 1.77 -44.60 16.52
N TYR B 348 0.90 -43.67 16.90
CA TYR B 348 0.44 -43.55 18.29
C TYR B 348 -0.44 -44.74 18.69
N PRO B 349 -0.32 -45.22 19.94
CA PRO B 349 -1.15 -46.35 20.39
C PRO B 349 -2.61 -45.91 20.52
N LEU B 350 -3.53 -46.71 19.98
CA LEU B 350 -4.94 -46.36 20.04
C LEU B 350 -5.66 -46.88 21.28
N PRO B 351 -6.65 -46.14 21.77
CA PRO B 351 -7.41 -46.55 22.96
C PRO B 351 -8.38 -47.68 22.61
N ASN B 352 -8.31 -48.79 23.33
CA ASN B 352 -9.20 -49.92 23.06
C ASN B 352 -10.47 -49.91 23.92
N SER B 353 -10.63 -48.87 24.73
CA SER B 353 -11.80 -48.71 25.59
C SER B 353 -12.14 -47.23 25.69
N THR B 354 -13.23 -46.88 26.38
CA THR B 354 -13.59 -45.47 26.52
C THR B 354 -12.46 -44.74 27.24
N PHE B 355 -12.22 -43.49 26.89
CA PHE B 355 -11.13 -42.75 27.51
C PHE B 355 -11.41 -41.26 27.60
N ALA B 356 -10.61 -40.56 28.40
CA ALA B 356 -10.73 -39.11 28.56
C ALA B 356 -9.43 -38.47 28.14
N HIS B 357 -9.54 -37.42 27.33
CA HIS B 357 -8.41 -36.68 26.80
C HIS B 357 -8.34 -35.31 27.47
N PHE B 358 -7.44 -35.13 28.42
CA PHE B 358 -7.29 -33.84 29.09
C PHE B 358 -6.29 -33.05 28.26
N ALA B 359 -6.76 -31.96 27.64
CA ALA B 359 -5.91 -31.15 26.77
C ALA B 359 -5.63 -29.75 27.31
N SER B 360 -4.44 -29.25 26.98
CA SER B 360 -4.01 -27.93 27.41
C SER B 360 -3.45 -27.16 26.20
N LYS B 361 -4.00 -25.97 25.97
CA LYS B 361 -3.59 -25.12 24.85
C LYS B 361 -2.83 -23.89 25.35
N VAL B 362 -1.62 -23.69 24.83
CA VAL B 362 -0.82 -22.53 25.23
C VAL B 362 -1.37 -21.28 24.54
N ALA B 363 -1.51 -20.19 25.30
CA ALA B 363 -2.02 -18.94 24.77
C ALA B 363 -1.07 -18.35 23.72
N GLY B 364 -1.59 -17.49 22.85
CA GLY B 364 -0.77 -16.88 21.81
C GLY B 364 -0.90 -17.60 20.48
N PRO B 365 0.12 -18.35 20.07
CA PRO B 365 1.40 -18.57 20.76
C PRO B 365 2.38 -17.50 20.30
N LEU B 366 3.48 -17.34 21.02
CA LEU B 366 4.50 -16.35 20.65
C LEU B 366 5.35 -16.88 19.50
N SER B 367 5.49 -18.20 19.41
CA SER B 367 6.28 -18.83 18.36
C SER B 367 5.52 -18.78 17.05
N TYR B 368 6.25 -18.70 15.94
CA TYR B 368 5.62 -18.67 14.63
C TYR B 368 6.57 -19.16 13.54
N GLY B 369 5.97 -19.48 12.39
CA GLY B 369 6.74 -19.95 11.25
C GLY B 369 6.22 -19.28 9.99
N SER B 370 6.32 -19.98 8.86
CA SER B 370 5.87 -19.42 7.60
C SER B 370 5.27 -20.46 6.67
N LEU B 371 4.62 -19.97 5.63
CA LEU B 371 4.00 -20.83 4.62
C LEU B 371 4.68 -20.59 3.27
N THR B 372 4.98 -21.67 2.57
CA THR B 372 5.61 -21.59 1.25
C THR B 372 4.87 -22.56 0.32
N LEU B 373 4.93 -22.30 -0.99
CA LEU B 373 4.25 -23.17 -1.96
C LEU B 373 5.00 -24.47 -2.17
N LYS B 374 4.25 -25.54 -2.42
CA LYS B 374 4.83 -26.86 -2.70
C LYS B 374 4.72 -27.05 -4.22
N SER B 375 3.84 -26.27 -4.83
CA SER B 375 3.63 -26.27 -6.26
C SER B 375 3.49 -24.80 -6.67
N SER B 376 4.21 -24.39 -7.70
CA SER B 376 4.16 -23.01 -8.14
C SER B 376 2.95 -22.73 -9.03
N SER B 377 2.16 -23.76 -9.34
CA SER B 377 1.02 -23.56 -10.22
C SER B 377 -0.28 -24.26 -9.84
N ASN B 378 -0.20 -25.32 -9.03
CA ASN B 378 -1.39 -26.07 -8.66
C ASN B 378 -1.90 -25.73 -7.26
N VAL B 379 -3.04 -25.04 -7.19
CA VAL B 379 -3.63 -24.63 -5.93
C VAL B 379 -4.16 -25.83 -5.13
N ARG B 380 -4.30 -26.98 -5.77
CA ARG B 380 -4.79 -28.18 -5.10
C ARG B 380 -3.70 -28.93 -4.36
N VAL B 381 -2.46 -28.47 -4.51
CA VAL B 381 -1.33 -29.10 -3.81
C VAL B 381 -1.12 -28.29 -2.53
N SER B 382 -1.27 -28.96 -1.39
CA SER B 382 -1.13 -28.30 -0.10
C SER B 382 0.21 -27.57 0.06
N PRO B 383 0.18 -26.37 0.64
CA PRO B 383 1.41 -25.60 0.83
C PRO B 383 2.21 -26.23 1.96
N ASN B 384 3.48 -25.86 2.06
CA ASN B 384 4.28 -26.35 3.16
C ASN B 384 4.12 -25.30 4.25
N VAL B 385 4.05 -25.74 5.49
CA VAL B 385 3.91 -24.83 6.61
C VAL B 385 4.74 -25.32 7.79
N LYS B 386 5.39 -24.38 8.48
CA LYS B 386 6.17 -24.72 9.66
C LYS B 386 5.72 -23.78 10.77
N PHE B 387 5.51 -24.31 11.97
CA PHE B 387 5.06 -23.48 13.08
C PHE B 387 6.11 -23.19 14.15
N ASN B 388 7.20 -23.95 14.14
CA ASN B 388 8.29 -23.77 15.10
C ASN B 388 7.84 -23.83 16.56
N TYR B 389 7.10 -24.88 16.90
CA TYR B 389 6.61 -25.05 18.26
C TYR B 389 7.72 -24.87 19.29
N TYR B 390 7.42 -24.09 20.31
CA TYR B 390 8.34 -23.82 21.41
C TYR B 390 9.66 -23.14 21.08
N SER B 391 9.74 -22.50 19.91
CA SER B 391 10.96 -21.79 19.55
C SER B 391 11.06 -20.60 20.50
N ASN B 392 9.91 -20.11 20.95
CA ASN B 392 9.88 -19.02 21.91
C ASN B 392 9.74 -19.71 23.26
N LEU B 393 10.74 -19.54 24.11
CA LEU B 393 10.73 -20.20 25.42
C LEU B 393 9.60 -19.82 26.36
N THR B 394 8.98 -18.66 26.14
CA THR B 394 7.86 -18.27 27.00
C THR B 394 6.69 -19.21 26.73
N ASP B 395 6.55 -19.67 25.48
CA ASP B 395 5.49 -20.62 25.16
C ASP B 395 5.75 -21.91 25.96
N LEU B 396 7.02 -22.31 26.02
CA LEU B 396 7.40 -23.53 26.75
C LEU B 396 7.10 -23.41 28.24
N SER B 397 7.43 -22.28 28.84
CA SER B 397 7.16 -22.08 30.26
C SER B 397 5.66 -22.20 30.51
N HIS B 398 4.88 -21.68 29.58
CA HIS B 398 3.43 -21.75 29.70
C HIS B 398 2.93 -23.18 29.57
N CYS B 399 3.58 -23.99 28.73
CA CYS B 399 3.19 -25.40 28.58
C CYS B 399 3.43 -26.10 29.90
N VAL B 400 4.58 -25.82 30.50
CA VAL B 400 4.96 -26.43 31.76
C VAL B 400 3.92 -26.12 32.83
N SER B 401 3.56 -24.86 32.98
CA SER B 401 2.57 -24.46 33.96
C SER B 401 1.24 -25.15 33.66
N GLY B 402 0.89 -25.20 32.38
CA GLY B 402 -0.35 -25.84 31.98
C GLY B 402 -0.40 -27.32 32.32
N MET B 403 0.69 -28.04 32.04
CA MET B 403 0.69 -29.47 32.33
C MET B 403 0.75 -29.76 33.83
N LYS B 404 1.32 -28.84 34.60
CA LYS B 404 1.34 -29.01 36.05
C LYS B 404 -0.09 -28.88 36.54
N LYS B 405 -0.87 -28.01 35.90
CA LYS B 405 -2.26 -27.84 36.30
C LYS B 405 -3.03 -29.12 35.98
N ILE B 406 -2.70 -29.76 34.86
CA ILE B 406 -3.34 -31.01 34.50
C ILE B 406 -2.96 -32.00 35.61
N GLY B 407 -1.71 -31.92 36.07
CA GLY B 407 -1.26 -32.78 37.14
C GLY B 407 -2.12 -32.59 38.37
N GLU B 408 -2.49 -31.34 38.63
CA GLU B 408 -3.35 -31.04 39.78
C GLU B 408 -4.71 -31.70 39.57
N LEU B 409 -5.26 -31.59 38.36
CA LEU B 409 -6.55 -32.19 38.07
C LEU B 409 -6.53 -33.69 38.33
N LEU B 410 -5.45 -34.35 37.90
CA LEU B 410 -5.31 -35.79 38.09
C LEU B 410 -5.19 -36.16 39.57
N SER B 411 -4.83 -35.21 40.40
CA SER B 411 -4.67 -35.44 41.84
C SER B 411 -5.88 -35.07 42.67
N THR B 412 -6.95 -34.59 42.03
CA THR B 412 -8.15 -34.17 42.73
C THR B 412 -9.01 -35.34 43.22
N ASP B 413 -9.84 -35.07 44.22
CA ASP B 413 -10.75 -36.09 44.74
C ASP B 413 -11.66 -36.47 43.58
N ALA B 414 -12.01 -35.45 42.79
CA ALA B 414 -12.90 -35.62 41.64
C ALA B 414 -12.48 -36.72 40.66
N LEU B 415 -11.19 -36.86 40.40
CA LEU B 415 -10.77 -37.89 39.45
C LEU B 415 -10.29 -39.19 40.10
N LYS B 416 -10.25 -39.22 41.42
CA LYS B 416 -9.81 -40.42 42.13
C LYS B 416 -10.54 -41.70 41.67
N PRO B 417 -11.88 -41.62 41.49
CA PRO B 417 -12.65 -42.79 41.04
C PRO B 417 -12.26 -43.32 39.67
N TYR B 418 -11.53 -42.54 38.90
CA TYR B 418 -11.15 -42.97 37.56
C TYR B 418 -9.76 -43.57 37.45
N LYS B 419 -9.11 -43.76 38.59
CA LYS B 419 -7.80 -44.38 38.63
C LYS B 419 -8.06 -45.89 38.67
N VAL B 420 -7.07 -46.68 38.25
CA VAL B 420 -7.22 -48.13 38.27
C VAL B 420 -6.56 -48.66 39.54
N GLU B 421 -5.83 -47.79 40.22
CA GLU B 421 -5.14 -48.16 41.44
C GLU B 421 -4.92 -46.98 42.38
N ASP B 422 -4.97 -47.26 43.68
CA ASP B 422 -4.76 -46.25 44.71
C ASP B 422 -3.28 -45.97 44.74
N LEU B 423 -2.87 -44.76 44.37
CA LEU B 423 -1.45 -44.39 44.37
C LEU B 423 -1.39 -42.89 44.59
N PRO B 424 -0.28 -42.38 45.16
CA PRO B 424 -0.23 -40.93 45.39
C PRO B 424 -0.15 -40.00 44.19
N GLY B 425 -0.92 -38.93 44.29
CA GLY B 425 -0.95 -37.91 43.24
C GLY B 425 -1.43 -38.24 41.83
N VAL B 426 -0.53 -38.04 40.86
CA VAL B 426 -0.83 -38.28 39.45
C VAL B 426 -0.66 -39.75 39.10
N GLU B 427 -0.25 -40.54 40.07
CA GLU B 427 -0.05 -41.98 39.85
C GLU B 427 -1.32 -42.79 40.10
N GLY B 428 -1.45 -43.92 39.42
CA GLY B 428 -2.63 -44.75 39.61
C GLY B 428 -3.57 -44.86 38.42
N PHE B 429 -3.34 -44.05 37.39
CA PHE B 429 -4.19 -44.12 36.20
C PHE B 429 -3.64 -45.06 35.14
N ASN B 430 -4.53 -45.49 34.25
CA ASN B 430 -4.14 -46.34 33.14
C ASN B 430 -3.94 -45.29 32.05
N ILE B 431 -2.70 -44.90 31.85
CA ILE B 431 -2.36 -43.86 30.87
C ILE B 431 -2.08 -44.41 29.48
N LEU B 432 -2.66 -43.76 28.47
CA LEU B 432 -2.45 -44.12 27.08
C LEU B 432 -1.49 -43.07 26.52
N GLY B 433 -0.31 -43.50 26.10
CA GLY B 433 0.65 -42.55 25.56
C GLY B 433 1.67 -42.11 26.61
N ILE B 434 2.28 -40.95 26.39
CA ILE B 434 3.31 -40.43 27.29
C ILE B 434 2.72 -39.85 28.58
N PRO B 435 3.14 -40.39 29.74
CA PRO B 435 2.63 -39.91 31.02
C PRO B 435 3.37 -38.67 31.51
N LEU B 436 2.79 -37.99 32.50
CA LEU B 436 3.43 -36.80 33.07
C LEU B 436 4.59 -37.24 33.93
N PRO B 437 5.55 -36.34 34.16
CA PRO B 437 6.68 -36.72 35.02
C PRO B 437 6.05 -36.95 36.39
N LYS B 438 6.59 -37.87 37.18
CA LYS B 438 6.05 -38.14 38.51
C LYS B 438 6.22 -36.95 39.45
N ASP B 439 7.40 -36.35 39.42
CA ASP B 439 7.74 -35.20 40.26
C ASP B 439 7.12 -33.92 39.68
N GLN B 440 6.10 -33.40 40.34
CA GLN B 440 5.42 -32.20 39.86
C GLN B 440 6.23 -30.91 39.98
N THR B 441 7.43 -30.99 40.55
CA THR B 441 8.30 -29.82 40.70
C THR B 441 9.52 -29.89 39.78
N ASP B 442 9.60 -30.95 38.98
CA ASP B 442 10.73 -31.14 38.06
C ASP B 442 10.47 -30.43 36.72
N ASP B 443 10.77 -29.14 36.69
CA ASP B 443 10.56 -28.33 35.49
C ASP B 443 11.27 -28.88 34.25
N ALA B 444 12.50 -29.33 34.40
CA ALA B 444 13.24 -29.86 33.26
C ALA B 444 12.52 -31.06 32.66
N ALA B 445 11.94 -31.89 33.51
CA ALA B 445 11.23 -33.07 33.04
C ALA B 445 9.95 -32.68 32.30
N PHE B 446 9.28 -31.64 32.80
CA PHE B 446 8.06 -31.16 32.16
C PHE B 446 8.38 -30.51 30.81
N GLU B 447 9.54 -29.88 30.70
CA GLU B 447 9.92 -29.27 29.44
C GLU B 447 10.11 -30.35 28.39
N THR B 448 10.75 -31.44 28.78
CA THR B 448 10.97 -32.55 27.86
C THR B 448 9.63 -33.14 27.45
N PHE B 449 8.72 -33.27 28.42
CA PHE B 449 7.39 -33.80 28.17
C PHE B 449 6.68 -32.93 27.13
N CYS B 450 6.71 -31.62 27.38
CA CYS B 450 6.08 -30.67 26.48
C CYS B 450 6.59 -30.77 25.04
N ARG B 451 7.91 -30.76 24.90
CA ARG B 451 8.53 -30.83 23.58
C ARG B 451 8.28 -32.14 22.85
N GLU B 452 8.42 -33.26 23.55
CA GLU B 452 8.26 -34.57 22.92
C GLU B 452 6.86 -35.13 22.72
N SER B 453 5.87 -34.54 23.40
CA SER B 453 4.50 -35.04 23.29
C SER B 453 3.55 -34.08 22.61
N VAL B 454 4.08 -32.95 22.13
CA VAL B 454 3.25 -31.92 21.50
C VAL B 454 2.45 -32.33 20.27
N ALA B 455 1.27 -31.72 20.14
CA ALA B 455 0.38 -31.95 19.02
C ALA B 455 -0.21 -30.59 18.67
N SER B 456 -1.03 -30.52 17.63
CA SER B 456 -1.65 -29.25 17.26
C SER B 456 -3.03 -29.16 17.88
N TYR B 457 -3.45 -27.94 18.24
CA TYR B 457 -4.78 -27.76 18.80
C TYR B 457 -5.74 -27.47 17.64
N TRP B 458 -5.18 -27.41 16.43
CA TRP B 458 -5.92 -27.16 15.20
C TRP B 458 -6.43 -25.72 15.09
N HIS B 459 -5.92 -24.85 15.94
CA HIS B 459 -6.36 -23.45 15.94
C HIS B 459 -5.33 -22.53 15.29
N TYR B 460 -4.56 -23.07 14.34
CA TYR B 460 -3.55 -22.29 13.64
C TYR B 460 -4.21 -21.07 13.01
N HIS B 461 -3.43 -20.01 12.86
CA HIS B 461 -3.92 -18.74 12.33
C HIS B 461 -2.73 -17.91 11.85
N GLY B 462 -3.02 -16.73 11.29
CA GLY B 462 -1.96 -15.87 10.81
C GLY B 462 -1.62 -16.11 9.35
N GLY B 463 -0.56 -15.47 8.86
CA GLY B 463 -0.16 -15.65 7.48
C GLY B 463 -0.49 -14.49 6.56
N CYS B 464 -1.37 -13.60 7.02
CA CYS B 464 -1.78 -12.43 6.24
C CYS B 464 -2.27 -11.42 7.26
N LEU B 465 -1.36 -11.01 8.14
CA LEU B 465 -1.66 -10.11 9.24
C LEU B 465 -2.03 -8.66 8.98
N VAL B 466 -2.95 -8.17 9.80
CA VAL B 466 -3.34 -6.78 9.75
C VAL B 466 -2.06 -6.07 10.24
N GLY B 467 -1.65 -5.05 9.51
CA GLY B 467 -0.43 -4.35 9.89
C GLY B 467 0.82 -4.87 9.20
N LYS B 468 0.70 -6.01 8.54
CA LYS B 468 1.83 -6.62 7.81
C LYS B 468 1.47 -6.73 6.34
N VAL B 469 0.25 -7.18 6.06
CA VAL B 469 -0.22 -7.34 4.68
C VAL B 469 -1.50 -6.52 4.48
N LEU B 470 -2.33 -6.47 5.53
CA LEU B 470 -3.61 -5.75 5.47
C LEU B 470 -3.63 -4.48 6.31
N ASP B 471 -4.59 -3.61 6.04
CA ASP B 471 -4.75 -2.39 6.81
C ASP B 471 -5.86 -2.63 7.82
N GLY B 472 -6.21 -1.61 8.58
CA GLY B 472 -7.26 -1.74 9.59
C GLY B 472 -8.67 -2.03 9.10
N ASP B 473 -8.88 -1.99 7.79
CA ASP B 473 -10.18 -2.27 7.20
C ASP B 473 -10.11 -3.59 6.43
N PHE B 474 -9.03 -4.32 6.68
CA PHE B 474 -8.76 -5.62 6.08
C PHE B 474 -8.44 -5.61 4.58
N ARG B 475 -8.09 -4.44 4.05
CA ARG B 475 -7.75 -4.35 2.64
C ARG B 475 -6.29 -4.74 2.48
N VAL B 476 -5.96 -5.39 1.36
CA VAL B 476 -4.58 -5.75 1.08
C VAL B 476 -3.97 -4.41 0.64
N THR B 477 -2.93 -3.96 1.34
CA THR B 477 -2.31 -2.69 1.01
C THR B 477 -1.73 -2.67 -0.40
N GLY B 478 -1.79 -1.49 -1.04
CA GLY B 478 -1.26 -1.34 -2.39
C GLY B 478 -2.15 -1.84 -3.50
N ILE B 479 -3.27 -2.46 -3.15
CA ILE B 479 -4.20 -2.99 -4.14
C ILE B 479 -5.64 -2.61 -3.80
N ASN B 480 -6.40 -2.20 -4.81
CA ASN B 480 -7.81 -1.84 -4.61
C ASN B 480 -8.73 -3.03 -4.83
N ALA B 481 -9.93 -2.94 -4.27
CA ALA B 481 -10.95 -3.98 -4.41
C ALA B 481 -10.51 -5.38 -3.99
N LEU B 482 -9.63 -5.47 -3.00
CA LEU B 482 -9.15 -6.75 -2.53
C LEU B 482 -9.00 -6.75 -1.01
N ARG B 483 -9.69 -7.67 -0.35
CA ARG B 483 -9.60 -7.78 1.10
C ARG B 483 -9.41 -9.24 1.50
N VAL B 484 -9.09 -9.44 2.76
CA VAL B 484 -8.90 -10.78 3.32
C VAL B 484 -9.66 -10.82 4.64
N VAL B 485 -10.53 -11.81 4.79
CA VAL B 485 -11.31 -11.95 6.01
C VAL B 485 -11.47 -13.41 6.39
N ASP B 486 -10.67 -13.85 7.35
CA ASP B 486 -10.67 -15.22 7.86
C ASP B 486 -9.65 -15.29 8.98
N GLY B 487 -9.25 -16.50 9.38
CA GLY B 487 -8.29 -16.63 10.46
C GLY B 487 -6.85 -16.28 10.18
N SER B 488 -6.53 -15.84 8.97
CA SER B 488 -5.15 -15.50 8.62
C SER B 488 -4.73 -14.09 9.02
N THR B 489 -5.68 -13.29 9.52
CA THR B 489 -5.37 -11.89 9.83
C THR B 489 -4.77 -11.44 11.16
N PHE B 490 -4.71 -12.30 12.16
CA PHE B 490 -4.12 -11.90 13.45
C PHE B 490 -3.11 -12.92 13.95
N PRO B 491 -2.08 -12.46 14.69
CA PRO B 491 -1.04 -13.34 15.20
C PRO B 491 -1.39 -14.21 16.41
N TYR B 492 -2.31 -13.74 17.24
CA TYR B 492 -2.68 -14.48 18.44
C TYR B 492 -4.13 -14.95 18.41
N THR B 493 -4.39 -16.04 19.11
CA THR B 493 -5.74 -16.60 19.16
C THR B 493 -6.63 -15.71 20.03
N PRO B 494 -7.85 -15.42 19.55
CA PRO B 494 -8.82 -14.57 20.25
C PRO B 494 -9.43 -15.15 21.53
N ALA B 495 -9.38 -16.47 21.68
CA ALA B 495 -9.92 -17.13 22.85
C ALA B 495 -9.41 -18.56 22.84
N SER B 496 -9.90 -19.37 23.77
CA SER B 496 -9.50 -20.77 23.85
C SER B 496 -9.94 -21.51 22.58
N HIS B 497 -11.04 -21.04 22.01
CA HIS B 497 -11.62 -21.60 20.78
C HIS B 497 -12.02 -20.40 19.94
N PRO B 498 -11.39 -20.24 18.76
CA PRO B 498 -11.58 -19.16 17.80
C PRO B 498 -12.74 -19.09 16.83
N GLN B 499 -13.52 -20.15 16.65
CA GLN B 499 -14.59 -20.07 15.67
C GLN B 499 -15.57 -18.93 15.94
N GLY B 500 -15.90 -18.70 17.20
CA GLY B 500 -16.83 -17.61 17.51
C GLY B 500 -16.34 -16.28 16.94
N PHE B 501 -15.06 -15.99 17.15
CA PHE B 501 -14.48 -14.74 16.66
C PHE B 501 -14.45 -14.67 15.14
N TYR B 502 -14.07 -15.78 14.49
CA TYR B 502 -14.00 -15.79 13.02
C TYR B 502 -15.38 -15.73 12.38
N LEU B 503 -16.38 -16.33 13.02
CA LEU B 503 -17.75 -16.29 12.49
C LEU B 503 -18.21 -14.83 12.55
N MET B 504 -17.97 -14.18 13.68
CA MET B 504 -18.34 -12.79 13.88
C MET B 504 -17.59 -11.88 12.90
N LEU B 505 -16.31 -12.14 12.71
CA LEU B 505 -15.48 -11.32 11.81
C LEU B 505 -16.06 -11.23 10.40
N GLY B 506 -16.56 -12.34 9.88
CA GLY B 506 -17.11 -12.36 8.55
C GLY B 506 -18.22 -11.35 8.38
N ARG B 507 -19.21 -11.39 9.27
CA ARG B 507 -20.32 -10.44 9.16
C ARG B 507 -19.86 -9.03 9.53
N TYR B 508 -18.99 -8.92 10.54
CA TYR B 508 -18.50 -7.61 10.97
C TYR B 508 -17.95 -6.83 9.78
N VAL B 509 -17.04 -7.43 9.03
CA VAL B 509 -16.45 -6.76 7.87
C VAL B 509 -17.50 -6.53 6.80
N GLY B 510 -18.45 -7.45 6.68
CA GLY B 510 -19.51 -7.28 5.69
C GLY B 510 -20.29 -6.01 5.96
N ILE B 511 -20.59 -5.75 7.24
CA ILE B 511 -21.33 -4.55 7.62
C ILE B 511 -20.49 -3.31 7.39
N LYS B 512 -19.19 -3.39 7.66
CA LYS B 512 -18.31 -2.25 7.44
C LYS B 512 -18.27 -1.88 5.96
N ILE B 513 -18.33 -2.90 5.11
CA ILE B 513 -18.32 -2.67 3.66
C ILE B 513 -19.64 -2.05 3.24
N LEU B 514 -20.74 -2.51 3.82
CA LEU B 514 -22.06 -1.96 3.49
C LEU B 514 -22.17 -0.51 3.94
N GLN B 515 -21.60 -0.20 5.09
CA GLN B 515 -21.63 1.16 5.60
C GLN B 515 -20.79 2.04 4.70
N GLU B 516 -19.71 1.46 4.17
CA GLU B 516 -18.82 2.20 3.29
C GLU B 516 -19.55 2.49 1.98
N ARG B 517 -20.28 1.50 1.46
CA ARG B 517 -21.03 1.69 0.22
C ARG B 517 -22.15 2.72 0.42
N SER B 518 -22.76 2.68 1.60
CA SER B 518 -23.82 3.63 1.90
C SER B 518 -23.31 5.06 1.85
N ALA B 519 -22.15 5.28 2.44
CA ALA B 519 -21.54 6.60 2.48
C ALA B 519 -21.12 7.08 1.09
N SER B 520 -20.75 6.15 0.21
CA SER B 520 -20.31 6.52 -1.13
C SER B 520 -21.46 6.65 -2.13
N ASP B 521 -22.67 6.29 -1.73
CA ASP B 521 -23.81 6.38 -2.64
C ASP B 521 -24.16 7.84 -2.91
C1 NAG C . 0.46 39.04 -0.92
C2 NAG C . 0.23 40.16 0.10
C3 NAG C . 0.95 39.90 1.44
C4 NAG C . 0.66 38.48 1.93
C5 NAG C . 1.03 37.50 0.83
C6 NAG C . 0.83 36.05 1.20
C7 NAG C . -0.15 42.27 -1.02
C8 NAG C . 0.43 43.53 -1.67
N2 NAG C . 0.71 41.42 -0.46
O3 NAG C . 0.51 40.86 2.41
O4 NAG C . 1.43 38.20 3.13
O5 NAG C . 0.21 37.76 -0.33
O6 NAG C . 1.23 35.20 0.14
O7 NAG C . -1.37 42.08 -1.04
C1 NAG C . 0.74 37.78 4.25
C2 NAG C . 1.74 37.47 5.38
C3 NAG C . 1.01 37.21 6.73
C4 NAG C . 0.06 38.39 7.02
C5 NAG C . -0.91 38.52 5.85
C6 NAG C . -1.90 39.64 6.07
C7 NAG C . 3.67 36.48 4.31
C8 NAG C . 4.16 35.27 3.54
N2 NAG C . 2.57 36.33 5.04
O3 NAG C . 1.97 37.08 7.76
O4 NAG C . -0.66 38.24 8.28
O5 NAG C . -0.18 38.82 4.64
O6 NAG C . -2.88 39.67 5.04
O7 NAG C . 4.30 37.54 4.25
C1 MAN C . -1.19 37.01 8.63
C2 MAN C . -2.53 37.19 9.38
C3 MAN C . -2.35 37.77 10.79
C4 MAN C . -1.22 37.07 11.56
C5 MAN C . 0.03 37.04 10.69
C6 MAN C . 1.22 36.35 11.34
O2 MAN C . -3.20 35.94 9.47
O3 MAN C . -3.57 37.62 11.51
O4 MAN C . -0.97 37.77 12.77
O5 MAN C . -0.25 36.33 9.46
O6 MAN C . 1.61 35.25 10.51
C1 MAN C . 2.70 34.51 10.96
C2 MAN C . 2.73 33.18 10.20
C3 MAN C . 1.55 32.30 10.62
C4 MAN C . 1.49 32.13 12.14
C5 MAN C . 1.50 33.50 12.81
C6 MAN C . 1.57 33.43 14.32
O2 MAN C . 3.95 32.51 10.45
O3 MAN C . 1.65 31.02 10.00
O4 MAN C . 0.33 31.43 12.51
O5 MAN C . 2.66 34.27 12.37
O6 MAN C . 2.62 34.25 14.84
C1 FUL C . 1.49 41.39 3.25
C2 FUL C . 0.82 42.26 4.32
O2 FUL C . -0.09 41.49 5.07
C3 FUL C . 1.89 42.86 5.25
O3 FUL C . 1.27 43.73 6.18
C4 FUL C . 2.93 43.62 4.43
O4 FUL C . 2.31 44.74 3.81
C5 FUL C . 3.52 42.70 3.35
C6 FUL C . 4.47 43.42 2.43
O5 FUL C . 2.46 42.15 2.53
C1 NAG D . 30.09 31.34 -3.12
C2 NAG D . 31.28 32.02 -3.82
C3 NAG D . 31.63 33.32 -3.09
C4 NAG D . 30.41 34.23 -3.01
C5 NAG D . 29.25 33.45 -2.35
C6 NAG D . 27.96 34.25 -2.32
C7 NAG D . 32.80 30.57 -4.98
C8 NAG D . 33.63 29.29 -4.88
N2 NAG D . 32.43 31.14 -3.85
O3 NAG D . 32.69 33.99 -3.79
O4 NAG D . 30.72 35.40 -2.24
O5 NAG D . 28.98 32.24 -3.09
O6 NAG D . 27.48 34.53 -3.64
O7 NAG D . 32.51 31.03 -6.09
C1 FUC D . 33.98 33.81 -3.25
C2 FUC D . 35.02 34.43 -4.18
C3 FUC D . 34.89 35.96 -4.18
C4 FUC D . 34.98 36.50 -2.75
C5 FUC D . 33.93 35.81 -1.87
C6 FUC D . 34.04 36.20 -0.41
O2 FUC D . 34.84 33.94 -5.50
O3 FUC D . 35.93 36.54 -4.97
O4 FUC D . 36.27 36.26 -2.22
O5 FUC D . 34.11 34.36 -1.94
C1 NAG D . 30.19 36.61 -2.68
C2 NAG D . 30.28 37.65 -1.55
C3 NAG D . 29.81 39.02 -2.06
C4 NAG D . 30.57 39.40 -3.33
C5 NAG D . 30.45 38.29 -4.37
C6 NAG D . 31.24 38.58 -5.63
C7 NAG D . 30.04 36.74 0.66
C8 NAG D . 29.14 36.01 1.64
N2 NAG D . 29.46 37.25 -0.42
O3 NAG D . 30.02 39.99 -1.06
O4 NAG D . 30.04 40.61 -3.85
O5 NAG D . 30.94 37.04 -3.82
O6 NAG D . 32.12 37.52 -5.95
O7 NAG D . 31.25 36.84 0.89
C1 NAG E . 9.41 -14.58 22.74
C2 NAG E . 10.63 -13.91 22.10
C3 NAG E . 11.04 -12.67 22.87
C4 NAG E . 9.84 -11.75 23.12
C5 NAG E . 8.68 -12.53 23.73
C6 NAG E . 7.43 -11.70 23.92
C7 NAG E . 12.26 -15.22 20.89
C8 NAG E . 13.46 -16.16 20.94
N2 NAG E . 11.74 -14.86 22.05
O3 NAG E . 12.06 -11.95 22.16
O4 NAG E . 10.21 -10.68 24.00
O5 NAG E . 8.34 -13.64 22.88
O6 NAG E . 7.07 -11.02 22.72
O7 NAG E . 11.83 -14.84 19.80
C1 NAG E . 9.78 -9.42 23.64
C2 NAG E . 9.88 -8.48 24.85
C3 NAG E . 9.57 -7.03 24.44
C4 NAG E . 10.37 -6.61 23.21
C5 NAG E . 10.21 -7.64 22.09
C6 NAG E . 11.03 -7.32 20.86
C7 NAG E . 9.37 -9.35 27.03
C8 NAG E . 8.36 -9.43 28.16
N2 NAG E . 8.94 -8.90 25.86
O3 NAG E . 9.86 -6.16 25.52
O4 NAG E . 9.90 -5.33 22.75
O5 NAG E . 10.61 -8.94 22.56
O6 NAG E . 12.18 -8.15 20.78
O7 NAG E . 10.54 -9.71 27.22
C1 BMA E . 10.77 -4.26 22.88
C2 BMA E . 10.25 -3.08 22.06
C3 BMA E . 11.11 -1.84 22.30
C4 BMA E . 11.22 -1.55 23.78
C5 BMA E . 11.72 -2.79 24.53
C6 BMA E . 11.76 -2.59 26.03
O2 BMA E . 8.90 -2.81 22.43
O3 BMA E . 10.51 -0.71 21.63
O4 BMA E . 12.14 -0.48 24.00
O5 BMA E . 10.83 -3.91 24.27
O6 BMA E . 10.46 -2.39 26.56
C1 MAN E . 11.35 -0.02 20.75
C2 MAN E . 10.64 1.27 20.30
C3 MAN E . 9.48 0.94 19.35
C4 MAN E . 9.96 0.07 18.19
C5 MAN E . 10.65 -1.18 18.74
C6 MAN E . 11.25 -2.04 17.64
O2 MAN E . 11.57 2.11 19.63
O3 MAN E . 8.90 2.14 18.85
O4 MAN E . 8.87 -0.30 17.37
O5 MAN E . 11.74 -0.80 19.62
O6 MAN E . 12.08 -1.28 16.77
C1 FUC E . 13.37 -12.17 22.60
C2 FUC E . 14.36 -11.53 21.61
C3 FUC E . 14.28 -10.00 21.67
C4 FUC E . 14.46 -9.51 23.11
C5 FUC E . 13.45 -10.22 24.03
C6 FUC E . 13.67 -9.88 25.49
O2 FUC E . 14.07 -11.97 20.29
O3 FUC E . 15.28 -9.43 20.85
O4 FUC E . 15.78 -9.80 23.54
O5 FUC E . 13.60 -11.65 23.91
C1 NAG F . -20.30 -6.64 24.57
C2 NAG F . -20.50 -5.49 25.56
C3 NAG F . -19.69 -5.72 26.84
C4 NAG F . -20.11 -7.07 27.41
C5 NAG F . -19.76 -8.13 26.37
C6 NAG F . -19.99 -9.57 26.79
C7 NAG F . -21.08 -3.36 24.61
C8 NAG F . -20.62 -2.03 24.01
N2 NAG F . -20.14 -4.23 24.96
O3 NAG F . -19.96 -4.66 27.78
O4 NAG F . -19.44 -7.33 28.66
O5 NAG F . -20.56 -7.91 25.18
O6 NAG F . -19.56 -10.46 25.77
O7 NAG F . -22.29 -3.58 24.75
C1 NAG F . -20.23 -7.93 29.63
C2 NAG F . -19.36 -8.46 30.77
C3 NAG F . -20.24 -9.04 31.89
C4 NAG F . -21.36 -8.06 32.30
C5 NAG F . -22.10 -7.54 31.06
C6 NAG F . -23.15 -6.48 31.38
C7 NAG F . -17.20 -9.29 30.08
C8 NAG F . -16.28 -10.49 30.21
N2 NAG F . -18.50 -9.51 30.25
O3 NAG F . -19.43 -9.31 33.03
O4 NAG F . -22.30 -8.74 33.16
O5 NAG F . -21.15 -6.95 30.14
O6 NAG F . -22.55 -5.23 31.67
O7 NAG F . -16.73 -8.19 29.83
C1 BMA F . -22.33 -8.34 34.50
C2 BMA F . -23.55 -8.97 35.19
C3 BMA F . -23.56 -8.58 36.66
C4 BMA F . -22.23 -8.97 37.32
C5 BMA F . -21.03 -8.43 36.52
C6 BMA F . -19.74 -9.01 37.03
O2 BMA F . -23.49 -10.39 35.08
O3 BMA F . -24.63 -9.23 37.33
O4 BMA F . -22.18 -8.47 38.64
O5 BMA F . -21.13 -8.81 35.12
O6 BMA F . -19.66 -10.40 36.66
C1 MAN F . -18.37 -10.92 36.72
C2 MAN F . -18.29 -12.21 35.90
C3 MAN F . -19.08 -13.33 36.57
C4 MAN F . -18.65 -13.51 38.04
C5 MAN F . -18.74 -12.16 38.77
C6 MAN F . -18.23 -12.23 40.18
O2 MAN F . -16.94 -12.60 35.75
O3 MAN F . -18.88 -14.56 35.87
O4 MAN F . -19.50 -14.45 38.67
O5 MAN F . -17.96 -11.16 38.07
O6 MAN F . -18.11 -10.93 40.75
C1 IPA G . 13.40 33.66 -8.27
C2 IPA G . 13.33 34.80 -7.29
C3 IPA G . 13.05 36.01 -8.15
O2 IPA G . 14.62 35.08 -6.64
PA FAD H . 8.62 23.39 -18.41
O1A FAD H . 7.30 23.21 -17.72
O2A FAD H . 9.38 22.28 -18.60
O5B FAD H . 8.12 23.80 -19.77
C5B FAD H . 8.92 23.95 -21.00
C4B FAD H . 8.11 23.34 -22.12
O4B FAD H . 8.82 23.62 -23.40
C3B FAD H . 7.94 21.77 -22.08
O3B FAD H . 6.60 21.38 -22.17
C2B FAD H . 8.86 21.29 -23.26
O2B FAD H . 8.44 20.06 -23.80
C1B FAD H . 8.73 22.42 -24.23
N9A FAD H . 9.83 22.62 -25.18
C8A FAD H . 11.19 22.62 -24.92
N7A FAD H . 11.93 22.85 -26.01
C5A FAD H . 11.01 23.01 -27.02
C6A FAD H . 11.18 23.27 -28.47
N6A FAD H . 12.34 23.44 -29.03
N1A FAD H . 10.00 23.36 -29.18
C2A FAD H . 8.75 23.18 -28.61
N3A FAD H . 8.51 22.94 -27.29
C4A FAD H . 9.68 22.85 -26.54
N1 FAD H . 8.12 21.89 -8.58
C2 FAD H . 7.21 22.10 -7.62
O2 FAD H . 6.91 23.21 -7.25
N3 FAD H . 6.55 21.01 -6.97
C4 FAD H . 6.96 19.69 -7.15
O4 FAD H . 6.44 18.81 -6.50
C4X FAD H . 8.01 19.44 -8.13
N5 FAD H . 8.49 18.17 -8.35
C5X FAD H . 9.25 17.97 -9.50
C6 FAD H . 9.51 16.61 -9.88
C7 FAD H . 10.18 16.32 -11.08
C7M FAD H . 10.41 14.87 -11.48
C8 FAD H . 10.65 17.42 -11.95
C8M FAD H . 11.36 17.18 -13.25
C9 FAD H . 10.45 18.77 -11.54
C9A FAD H . 9.72 19.04 -10.34
N10 FAD H . 9.39 20.40 -9.92
C10 FAD H . 8.52 20.61 -8.88
C1' FAD H . 9.98 21.56 -10.63
C2' FAD H . 8.94 22.27 -11.54
O2' FAD H . 8.00 21.30 -12.02
C3' FAD H . 9.70 22.94 -12.69
O3' FAD H . 10.65 23.83 -12.11
C4' FAD H . 8.72 23.75 -13.57
O4' FAD H . 7.66 22.93 -14.06
C5' FAD H . 9.53 24.34 -14.71
O5' FAD H . 8.61 25.27 -15.57
P FAD H . 9.08 25.81 -16.92
O1P FAD H . 7.89 26.52 -17.52
O2P FAD H . 10.29 26.53 -16.83
O3P FAD H . 9.45 24.66 -17.78
C1 NAG I . 13.40 34.35 2.25
C2 NAG I . 14.31 33.45 3.09
C3 NAG I . 15.30 34.29 3.90
C4 NAG I . 16.02 35.31 3.01
C5 NAG I . 15.01 36.11 2.19
C6 NAG I . 15.66 37.07 1.21
C7 NAG I . 13.37 31.33 3.83
C8 NAG I . 12.66 30.57 4.94
N2 NAG I . 13.49 32.65 3.99
O3 NAG I . 16.25 33.44 4.51
O4 NAG I . 16.78 36.20 3.81
O5 NAG I . 14.18 35.21 1.42
O6 NAG I . 16.34 36.37 0.18
O7 NAG I . 13.80 30.73 2.85
C1 NAG J . 15.17 -6.91 0.11
C2 NAG J . 16.53 -7.35 -0.46
C3 NAG J . 17.50 -7.75 0.65
C4 NAG J . 17.60 -6.64 1.68
C5 NAG J . 16.20 -6.30 2.19
C6 NAG J . 16.20 -5.17 3.21
C7 NAG J . 16.94 -8.47 -2.56
C8 NAG J . 17.06 -9.81 -3.28
N2 NAG J . 16.34 -8.47 -1.37
O3 NAG J . 18.79 -8.01 0.11
O4 NAG J . 18.43 -7.04 2.77
O5 NAG J . 15.36 -5.88 1.09
O6 NAG J . 14.92 -5.03 3.80
O7 NAG J . 17.40 -7.44 -3.07
C1 IPA K . -7.38 -12.12 17.38
C2 IPA K . -7.33 -11.00 18.40
C3 IPA K . -7.53 -9.75 17.57
O2 IPA K . -6.01 -10.84 19.02
PA FAD L . -12.07 -22.19 7.07
O1A FAD L . -13.39 -22.40 7.73
O2A FAD L . -11.28 -23.30 6.88
O5B FAD L . -12.54 -21.76 5.70
C5B FAD L . -11.71 -21.61 4.49
C4B FAD L . -12.53 -22.20 3.37
O4B FAD L . -11.80 -21.92 2.10
C3B FAD L . -12.71 -23.77 3.38
O3B FAD L . -14.04 -24.15 3.30
C2B FAD L . -11.80 -24.23 2.19
O2B FAD L . -12.26 -25.45 1.63
C1B FAD L . -11.92 -23.09 1.24
N9A FAD L . -10.83 -22.88 0.28
C8A FAD L . -9.47 -22.91 0.54
N7A FAD L . -8.72 -22.68 -0.54
C5A FAD L . -9.65 -22.49 -1.54
C6A FAD L . -9.49 -22.19 -2.98
N6A FAD L . -8.32 -22.04 -3.56
N1A FAD L . -10.67 -22.07 -3.70
C2A FAD L . -11.91 -22.22 -3.12
N3A FAD L . -12.15 -22.50 -1.81
C4A FAD L . -10.99 -22.62 -1.07
N1 FAD L . -12.55 -23.76 16.92
C2 FAD L . -13.51 -23.55 17.83
O2 FAD L . -13.87 -22.44 18.15
N3 FAD L . -14.16 -24.64 18.50
C4 FAD L . -13.77 -25.96 18.29
O4 FAD L . -14.32 -26.84 18.92
C4X FAD L . -12.70 -26.21 17.31
N5 FAD L . -12.22 -27.48 17.10
C5X FAD L . -11.50 -27.69 15.93
C6 FAD L . -11.25 -29.05 15.52
C7 FAD L . -10.58 -29.34 14.34
C7M FAD L . -10.32 -30.79 13.95
C8 FAD L . -10.10 -28.25 13.47
C8M FAD L . -9.39 -28.48 12.16
C9 FAD L . -10.32 -26.90 13.88
C9A FAD L . -11.02 -26.61 15.07
N10 FAD L . -11.34 -25.25 15.53
C10 FAD L . -12.18 -25.04 16.58
C1' FAD L . -10.74 -24.11 14.80
C2' FAD L . -11.78 -23.38 13.89
O2' FAD L . -12.69 -24.37 13.38
C3' FAD L . -11.01 -22.71 12.75
O3' FAD L . -10.02 -21.85 13.33
C4' FAD L . -11.97 -21.87 11.88
O4' FAD L . -13.02 -22.68 11.35
C5' FAD L . -11.16 -21.24 10.79
O5' FAD L . -12.09 -20.35 9.92
P FAD L . -11.61 -19.79 8.59
O1P FAD L . -12.80 -19.07 7.98
O2P FAD L . -10.42 -19.08 8.71
O3P FAD L . -11.25 -20.93 7.72
C1 NDG M . -5.70 -52.31 24.27
C2 NDG M . -5.02 -53.66 24.05
C3 NDG M . -4.41 -54.24 25.34
C4 NDG M . -3.61 -53.20 26.09
C5 NDG M . -4.50 -51.98 26.34
C6 NDG M . -3.80 -50.90 27.16
C7 NDG M . -6.11 -54.80 22.22
C8 NDG M . -6.98 -55.96 21.77
O5 NDG M . -4.90 -51.41 25.07
O3 NDG M . -3.56 -55.34 25.02
O4 NDG M . -3.13 -53.73 27.32
O6 NDG M . -4.59 -50.47 28.26
O7 NDG M . -5.56 -54.08 21.39
N2 NDG M . -5.98 -54.61 23.53
C1 NAG N . -7.29 -11.42 27.76
C2 NAG N . -6.39 -12.35 28.61
C3 NAG N . -5.41 -11.52 29.45
C4 NAG N . -4.68 -10.47 28.60
C5 NAG N . -5.67 -9.67 27.74
C6 NAG N . -4.99 -8.72 26.77
C7 NAG N . -7.30 -14.46 29.36
C8 NAG N . -7.88 -15.25 30.52
N2 NAG N . -7.24 -13.14 29.49
O3 NAG N . -4.46 -12.38 30.06
O4 NAG N . -3.97 -9.56 29.47
O5 NAG N . -6.47 -10.58 26.95
O6 NAG N . -4.38 -9.42 25.70
O7 NAG N . -6.93 -15.06 28.34
#